data_8IU7
#
_entry.id   8IU7
#
_cell.length_a   49.910
_cell.length_b   119.670
_cell.length_c   119.570
_cell.angle_alpha   90.000
_cell.angle_beta   91.370
_cell.angle_gamma   90.000
#
_symmetry.space_group_name_H-M   'P 1 21 1'
#
loop_
_entity.id
_entity.type
_entity.pdbx_description
1 polymer 'Bifunctional oligoribonuclease and PAP phosphatase NrnA'
2 non-polymer 'MAGNESIUM ION'
3 water water
#
_entity_poly.entity_id   1
_entity_poly.type   'polypeptide(L)'
_entity_poly.pdbx_seq_one_letter_code
;MGSSHHHHHHSSENLYFQGHMISTLNEIMKCIEDNDTIIIHRHVRPDPDAYGSQLGLKYYIQQKFPQKQVFAVGEAESSL
SFIGELDNIDDKTYQDALVIVCDTANAPRIDDERYSTGRKLIKIDHHPAVDQYGDINLVNTNASSTSEIIYDLISHFNDE
AIVNKDIASVLYLGIVGDTGRFLFNNTSEHTMEIAGKLIGHDIDHNALLNKMMEKDPKMLPFQGYVLQHFELMDDGFCQV
KITEDVLEQFGIQPNEASQFVNTIADIKGLKIWVFAVDEGNEIRCRLRSKGQLIINDIAQDFGGGGHPNASGVSVDSWDE
FEQLATALRTKLN
;
_entity_poly.pdbx_strand_id   A,C,D,B
#
# COMPACT_ATOMS: atom_id res chain seq x y z
N GLU A 13 8.49 16.42 -20.56
CA GLU A 13 7.40 15.53 -20.10
C GLU A 13 7.48 14.21 -20.87
N ASN A 14 8.64 13.55 -20.87
CA ASN A 14 8.79 12.32 -21.70
C ASN A 14 7.99 11.17 -21.09
N LEU A 15 7.66 10.20 -21.93
CA LEU A 15 6.87 9.07 -21.48
C LEU A 15 7.57 8.32 -20.36
N TYR A 16 8.91 8.39 -20.32
CA TYR A 16 9.65 7.67 -19.29
C TYR A 16 9.50 8.36 -17.94
N PHE A 17 9.55 9.70 -17.94
CA PHE A 17 9.35 10.46 -16.71
C PHE A 17 8.00 10.11 -16.09
N GLN A 18 6.96 10.05 -16.93
CA GLN A 18 5.61 9.73 -16.47
C GLN A 18 5.57 8.35 -15.83
N GLY A 19 6.10 7.33 -16.53
CA GLY A 19 6.13 6.00 -15.96
C GLY A 19 6.86 5.95 -14.64
N HIS A 20 7.97 6.68 -14.54
CA HIS A 20 8.74 6.72 -13.29
C HIS A 20 7.95 7.40 -12.18
N MET A 21 7.15 8.42 -12.54
CA MET A 21 6.28 9.07 -11.57
C MET A 21 5.28 8.10 -10.97
N ILE A 22 4.56 7.37 -11.82
CA ILE A 22 3.59 6.37 -11.35
C ILE A 22 4.27 5.34 -10.46
N SER A 23 5.44 4.85 -10.88
CA SER A 23 6.15 3.84 -10.09
C SER A 23 6.60 4.40 -8.76
N THR A 24 7.11 5.63 -8.77
CA THR A 24 7.53 6.30 -7.55
C THR A 24 6.37 6.49 -6.60
N LEU A 25 5.25 6.97 -7.14
CA LEU A 25 4.03 7.10 -6.36
C LEU A 25 3.66 5.78 -5.71
N ASN A 26 3.56 4.73 -6.52
CA ASN A 26 3.23 3.39 -6.02
C ASN A 26 4.23 2.91 -4.99
N GLU A 27 5.52 3.20 -5.20
CA GLU A 27 6.53 2.77 -4.24
C GLU A 27 6.37 3.48 -2.90
N ILE A 28 6.10 4.79 -2.92
CA ILE A 28 5.93 5.55 -1.69
C ILE A 28 4.80 4.96 -0.83
N MET A 29 3.67 4.66 -1.47
CA MET A 29 2.53 4.14 -0.71
C MET A 29 2.85 2.78 -0.10
N LYS A 30 3.58 1.94 -0.85
CA LYS A 30 4.02 0.67 -0.28
C LYS A 30 4.90 0.90 0.93
N CYS A 31 5.80 1.89 0.88
CA CYS A 31 6.61 2.22 2.04
C CYS A 31 5.77 2.69 3.20
N ILE A 32 4.71 3.46 2.91
CA ILE A 32 3.79 3.87 3.95
C ILE A 32 3.06 2.65 4.52
N GLU A 33 2.54 1.80 3.64
CA GLU A 33 1.79 0.61 4.06
C GLU A 33 2.65 -0.28 4.93
N ASP A 34 3.92 -0.42 4.61
CA ASP A 34 4.81 -1.35 5.29
C ASP A 34 5.41 -0.78 6.56
N ASN A 35 5.00 0.41 6.99
CA ASN A 35 5.63 1.05 8.13
C ASN A 35 4.57 1.52 9.11
N ASP A 36 4.82 1.26 10.38
CA ASP A 36 3.89 1.64 11.42
C ASP A 36 4.10 3.08 11.88
N THR A 37 5.35 3.53 11.91
CA THR A 37 5.69 4.88 12.32
C THR A 37 6.21 5.65 11.11
N ILE A 38 5.55 6.77 10.80
CA ILE A 38 5.93 7.66 9.70
C ILE A 38 6.16 9.04 10.29
N ILE A 39 7.35 9.60 10.02
CA ILE A 39 7.78 10.91 10.53
C ILE A 39 8.08 11.82 9.35
N ILE A 40 7.48 13.02 9.34
CA ILE A 40 7.54 13.89 8.18
C ILE A 40 8.26 15.19 8.56
N HIS A 41 9.23 15.55 7.74
CA HIS A 41 10.01 16.78 7.99
C HIS A 41 9.80 17.79 6.86
N ARG A 42 10.25 19.02 7.08
CA ARG A 42 10.19 20.06 6.03
C ARG A 42 11.43 20.94 6.19
N HIS A 43 11.53 22.02 5.43
CA HIS A 43 12.73 22.84 5.48
C HIS A 43 12.76 23.84 6.65
N VAL A 44 13.98 24.18 7.09
CA VAL A 44 14.20 25.33 8.00
C VAL A 44 13.62 26.58 7.37
N ARG A 45 13.25 27.53 8.23
CA ARG A 45 12.60 28.79 7.83
C ARG A 45 11.36 28.41 7.01
N PRO A 46 10.42 27.74 7.62
CA PRO A 46 9.27 27.23 6.87
C PRO A 46 8.40 28.35 6.35
N ASP A 47 7.74 28.07 5.25
CA ASP A 47 6.68 28.82 4.61
C ASP A 47 5.39 28.02 4.60
N PRO A 48 4.26 28.61 4.16
CA PRO A 48 2.97 27.89 4.17
C PRO A 48 3.02 26.57 3.44
N ASP A 49 3.73 26.53 2.31
CA ASP A 49 3.79 25.30 1.55
C ASP A 49 4.49 24.20 2.34
N ALA A 50 5.55 24.55 3.09
CA ALA A 50 6.21 23.59 3.98
C ALA A 50 5.23 23.02 5.00
N TYR A 51 4.57 23.89 5.76
CA TYR A 51 3.60 23.44 6.75
C TYR A 51 2.46 22.67 6.10
N GLY A 52 1.94 23.20 4.99
CA GLY A 52 0.76 22.60 4.37
C GLY A 52 1.01 21.24 3.76
N SER A 53 2.18 21.06 3.12
CA SER A 53 2.50 19.76 2.53
C SER A 53 2.77 18.72 3.63
N GLN A 54 3.60 19.06 4.61
CA GLN A 54 3.89 18.19 5.75
C GLN A 54 2.59 17.74 6.43
N LEU A 55 1.84 18.71 6.97
CA LEU A 55 0.62 18.39 7.71
C LEU A 55 -0.44 17.74 6.83
N GLY A 56 -0.53 18.13 5.57
CA GLY A 56 -1.53 17.53 4.70
C GLY A 56 -1.25 16.05 4.47
N LEU A 57 0.02 15.71 4.25
CA LEU A 57 0.40 14.31 4.12
C LEU A 57 0.16 13.57 5.43
N LYS A 58 0.55 14.16 6.55
CA LYS A 58 0.29 13.55 7.85
C LYS A 58 -1.18 13.17 7.99
N TYR A 59 -2.06 14.18 7.88
CA TYR A 59 -3.50 13.97 8.03
C TYR A 59 -4.05 12.98 7.02
N TYR A 60 -3.51 12.97 5.80
CA TYR A 60 -3.95 12.00 4.82
C TYR A 60 -3.62 10.57 5.27
N ILE A 61 -2.37 10.33 5.67
CA ILE A 61 -2.00 9.00 6.15
C ILE A 61 -2.86 8.60 7.34
N GLN A 62 -3.02 9.53 8.30
CA GLN A 62 -3.80 9.24 9.49
C GLN A 62 -5.24 8.85 9.14
N GLN A 63 -5.81 9.46 8.10
CA GLN A 63 -7.17 9.13 7.72
C GLN A 63 -7.24 7.80 6.99
N LYS A 64 -6.29 7.52 6.10
CA LYS A 64 -6.31 6.26 5.37
C LYS A 64 -5.87 5.10 6.24
N PHE A 65 -4.92 5.32 7.14
CA PHE A 65 -4.34 4.29 8.00
C PHE A 65 -4.47 4.73 9.45
N PRO A 66 -5.64 4.54 10.05
CA PRO A 66 -5.87 5.13 11.39
C PRO A 66 -5.13 4.44 12.51
N GLN A 67 -4.47 3.32 12.23
CA GLN A 67 -3.68 2.65 13.27
C GLN A 67 -2.23 3.11 13.29
N LYS A 68 -1.75 3.69 12.20
CA LYS A 68 -0.35 4.07 12.10
C LYS A 68 -0.08 5.33 12.90
N GLN A 69 1.17 5.45 13.37
CA GLN A 69 1.63 6.60 14.15
C GLN A 69 2.36 7.54 13.19
N VAL A 70 1.70 8.64 12.82
CA VAL A 70 2.23 9.63 11.90
C VAL A 70 2.50 10.92 12.67
N PHE A 71 3.71 11.47 12.50
CA PHE A 71 4.17 12.65 13.23
C PHE A 71 4.72 13.68 12.25
N ALA A 72 4.55 14.97 12.61
CA ALA A 72 5.11 16.08 11.86
C ALA A 72 5.98 16.90 12.81
N VAL A 73 7.27 16.99 12.49
CA VAL A 73 8.27 17.52 13.41
C VAL A 73 8.95 18.73 12.77
N GLY A 74 9.72 19.44 13.60
CA GLY A 74 10.40 20.65 13.20
C GLY A 74 10.23 21.77 14.23
N GLU A 75 10.87 22.91 14.01
CA GLU A 75 10.71 24.05 14.89
C GLU A 75 9.47 24.85 14.43
N ALA A 76 8.55 25.12 15.35
CA ALA A 76 7.34 25.82 14.94
C ALA A 76 7.63 27.29 14.69
N GLU A 77 6.92 27.86 13.72
CA GLU A 77 6.95 29.28 13.41
C GLU A 77 5.65 29.93 13.87
N SER A 78 5.76 31.00 14.68
CA SER A 78 4.54 31.55 15.27
C SER A 78 3.62 32.13 14.20
N SER A 79 4.19 32.64 13.12
CA SER A 79 3.45 33.19 12.00
C SER A 79 2.63 32.11 11.28
N LEU A 80 3.07 30.86 11.34
CA LEU A 80 2.40 29.77 10.66
C LEU A 80 1.65 28.84 11.61
N SER A 81 1.74 29.06 12.92
CA SER A 81 1.20 28.06 13.86
C SER A 81 -0.28 27.80 13.66
N PHE A 82 -1.01 28.76 13.09
CA PHE A 82 -2.45 28.55 12.89
C PHE A 82 -2.75 27.40 11.94
N ILE A 83 -1.80 27.07 11.05
CA ILE A 83 -2.02 25.98 10.10
C ILE A 83 -2.17 24.64 10.81
N GLY A 84 -1.37 24.41 11.85
CA GLY A 84 -1.50 23.16 12.60
C GLY A 84 -0.36 23.00 13.59
N GLU A 85 -0.59 22.11 14.56
CA GLU A 85 0.37 21.89 15.62
C GLU A 85 1.35 20.80 15.21
N LEU A 86 2.62 21.00 15.57
CA LEU A 86 3.67 20.04 15.27
C LEU A 86 3.81 19.05 16.43
N ASP A 87 4.52 17.95 16.17
CA ASP A 87 4.70 16.90 17.21
C ASP A 87 6.13 16.91 17.74
N ASN A 88 6.30 16.78 19.05
CA ASN A 88 7.66 16.67 19.65
C ASN A 88 7.86 15.19 19.98
N ILE A 89 8.82 14.53 19.34
CA ILE A 89 8.97 13.06 19.53
C ILE A 89 10.37 12.67 20.05
N ASP A 90 10.49 11.46 20.58
CA ASP A 90 11.75 10.94 21.09
C ASP A 90 12.60 10.37 19.97
N ASP A 91 13.92 10.37 20.18
CA ASP A 91 14.85 9.80 19.20
C ASP A 91 14.55 8.34 18.89
N LYS A 92 13.93 7.62 19.84
CA LYS A 92 13.63 6.21 19.67
C LYS A 92 12.46 5.96 18.72
N THR A 93 11.57 6.94 18.58
CA THR A 93 10.47 6.82 17.64
C THR A 93 10.93 6.55 16.21
N TYR A 94 12.18 6.90 15.89
CA TYR A 94 12.68 6.78 14.52
C TYR A 94 13.11 5.37 14.16
N GLN A 95 13.36 4.52 15.15
CA GLN A 95 13.86 3.18 14.89
C GLN A 95 12.92 2.41 13.96
N ASP A 96 13.43 2.06 12.78
CA ASP A 96 12.69 1.32 11.76
C ASP A 96 11.48 2.11 11.26
N ALA A 97 11.57 3.43 11.32
CA ALA A 97 10.47 4.28 10.88
C ALA A 97 10.74 4.77 9.46
N LEU A 98 9.65 5.07 8.76
CA LEU A 98 9.72 5.72 7.45
C LEU A 98 9.78 7.23 7.65
N VAL A 99 10.81 7.88 7.12
CA VAL A 99 10.95 9.34 7.17
C VAL A 99 10.67 9.89 5.78
N ILE A 100 9.80 10.90 5.70
CA ILE A 100 9.45 11.59 4.48
C ILE A 100 9.78 13.06 4.67
N VAL A 101 10.40 13.65 3.66
CA VAL A 101 10.77 15.06 3.71
C VAL A 101 10.04 15.79 2.58
N CYS A 102 9.32 16.85 2.94
CA CYS A 102 8.55 17.64 2.00
C CYS A 102 9.28 18.94 1.71
N ASP A 103 9.21 19.41 0.47
CA ASP A 103 9.46 20.81 0.14
C ASP A 103 10.89 21.26 0.29
N THR A 104 11.85 20.34 0.38
CA THR A 104 13.21 20.70 0.73
C THR A 104 14.20 20.22 -0.33
N ALA A 105 14.79 21.16 -1.03
CA ALA A 105 15.64 20.73 -2.14
C ALA A 105 17.00 20.23 -1.65
N ASN A 106 17.55 20.81 -0.57
CA ASN A 106 18.90 20.48 -0.13
C ASN A 106 18.86 19.89 1.27
N ALA A 107 19.51 18.73 1.46
CA ALA A 107 19.47 18.05 2.76
C ALA A 107 19.92 18.94 3.92
N PRO A 108 20.95 19.79 3.80
CA PRO A 108 21.33 20.66 4.92
C PRO A 108 20.25 21.60 5.37
N ARG A 109 19.24 21.84 4.54
CA ARG A 109 18.15 22.78 4.89
C ARG A 109 16.95 22.06 5.53
N ILE A 110 17.07 20.78 5.89
CA ILE A 110 15.97 20.04 6.59
C ILE A 110 15.94 20.50 8.07
N ASP A 111 14.75 20.67 8.66
CA ASP A 111 14.61 21.27 10.03
C ASP A 111 14.95 20.35 11.21
N ASP A 112 14.97 19.03 11.09
CA ASP A 112 15.42 18.21 12.27
C ASP A 112 16.46 17.24 11.74
N GLU A 113 17.65 17.19 12.34
CA GLU A 113 18.69 16.38 11.68
C GLU A 113 18.48 14.87 11.90
N ARG A 114 17.40 14.50 12.57
CA ARG A 114 17.11 13.06 12.79
C ARG A 114 16.46 12.44 11.54
N TYR A 115 16.22 13.22 10.49
CA TYR A 115 15.60 12.68 9.28
C TYR A 115 16.32 11.45 8.73
N SER A 116 17.63 11.30 9.01
CA SER A 116 18.46 10.18 8.59
C SER A 116 18.47 8.99 9.55
N THR A 117 17.86 9.10 10.74
CA THR A 117 17.91 8.05 11.75
C THR A 117 16.82 6.97 11.59
N GLY A 118 16.28 6.79 10.39
CA GLY A 118 15.24 5.83 10.15
C GLY A 118 15.64 4.79 9.13
N ARG A 119 14.72 3.83 8.93
CA ARG A 119 14.99 2.74 8.00
C ARG A 119 14.97 3.22 6.55
N LYS A 120 14.10 4.17 6.22
CA LYS A 120 13.89 4.61 4.85
C LYS A 120 13.70 6.11 4.85
N LEU A 121 14.14 6.77 3.78
CA LEU A 121 13.98 8.20 3.63
C LEU A 121 13.39 8.49 2.26
N ILE A 122 12.26 9.22 2.23
CA ILE A 122 11.58 9.62 0.99
C ILE A 122 11.62 11.14 0.88
N LYS A 123 11.85 11.61 -0.33
CA LYS A 123 11.84 13.01 -0.68
C LYS A 123 10.70 13.27 -1.63
N ILE A 124 9.93 14.34 -1.36
CA ILE A 124 8.78 14.77 -2.14
C ILE A 124 8.93 16.29 -2.22
N ASP A 125 9.09 16.81 -3.43
CA ASP A 125 9.48 18.20 -3.57
C ASP A 125 9.14 18.64 -4.98
N HIS A 126 9.08 19.97 -5.16
CA HIS A 126 8.83 20.55 -6.45
C HIS A 126 9.95 21.45 -6.96
N HIS A 127 11.04 21.53 -6.25
CA HIS A 127 12.24 22.26 -6.67
C HIS A 127 13.11 21.41 -7.61
N PRO A 128 13.83 22.04 -8.54
CA PRO A 128 14.77 21.28 -9.38
C PRO A 128 15.56 20.26 -8.57
N ALA A 129 15.66 19.04 -9.11
CA ALA A 129 16.30 17.91 -8.45
C ALA A 129 17.83 18.05 -8.55
N VAL A 130 18.47 18.63 -7.53
CA VAL A 130 19.93 18.77 -7.48
C VAL A 130 20.57 17.97 -6.37
N ASP A 131 19.79 17.57 -5.36
CA ASP A 131 20.24 16.76 -4.23
C ASP A 131 19.26 15.61 -4.07
N GLN A 132 19.62 14.43 -4.60
CA GLN A 132 18.73 13.27 -4.50
C GLN A 132 18.99 12.50 -3.21
N TYR A 133 18.65 13.12 -2.09
CA TYR A 133 19.04 12.57 -0.79
C TYR A 133 18.13 11.45 -0.29
N GLY A 134 17.02 11.17 -0.96
CA GLY A 134 16.11 10.13 -0.50
C GLY A 134 16.51 8.79 -1.08
N ASP A 135 16.08 7.71 -0.41
CA ASP A 135 16.06 6.40 -1.08
C ASP A 135 14.99 6.38 -2.16
N ILE A 136 13.96 7.22 -2.01
CA ILE A 136 13.00 7.52 -3.05
C ILE A 136 12.97 9.05 -3.18
N ASN A 137 13.01 9.54 -4.42
CA ASN A 137 12.97 10.99 -4.72
C ASN A 137 11.82 11.23 -5.68
N LEU A 138 10.73 11.81 -5.16
CA LEU A 138 9.60 12.26 -5.95
C LEU A 138 9.74 13.76 -6.19
N VAL A 139 10.09 14.14 -7.42
CA VAL A 139 10.29 15.55 -7.76
C VAL A 139 9.42 15.92 -8.94
N ASN A 140 8.60 16.96 -8.82
CA ASN A 140 7.82 17.43 -9.96
C ASN A 140 7.90 18.94 -10.06
N THR A 141 8.80 19.45 -10.93
CA THR A 141 8.93 20.91 -11.01
C THR A 141 7.76 21.54 -11.75
N ASN A 142 6.91 20.72 -12.38
CA ASN A 142 5.71 21.18 -13.07
C ASN A 142 4.52 21.38 -12.12
N ALA A 143 4.69 21.06 -10.84
CA ALA A 143 3.70 21.35 -9.80
C ALA A 143 3.94 22.74 -9.24
N SER A 144 2.86 23.40 -8.79
CA SER A 144 2.94 24.75 -8.25
C SER A 144 3.67 24.78 -6.92
N SER A 145 3.72 23.64 -6.23
CA SER A 145 3.97 23.61 -4.80
C SER A 145 4.08 22.15 -4.41
N THR A 146 4.69 21.89 -3.25
CA THR A 146 4.66 20.53 -2.73
C THR A 146 3.27 20.14 -2.26
N SER A 147 2.48 21.13 -1.79
CA SER A 147 1.09 20.84 -1.44
C SER A 147 0.36 20.23 -2.61
N GLU A 148 0.51 20.82 -3.79
CA GLU A 148 -0.13 20.28 -4.99
C GLU A 148 0.33 18.86 -5.29
N ILE A 149 1.63 18.54 -5.08
CA ILE A 149 2.07 17.15 -5.26
C ILE A 149 1.33 16.22 -4.31
N ILE A 150 1.13 16.66 -3.07
CA ILE A 150 0.44 15.80 -2.10
C ILE A 150 -0.97 15.51 -2.58
N TYR A 151 -1.64 16.49 -3.16
CA TYR A 151 -2.99 16.21 -3.67
C TYR A 151 -2.93 15.26 -4.87
N ASP A 152 -1.90 15.42 -5.71
CA ASP A 152 -1.71 14.50 -6.83
C ASP A 152 -1.51 13.07 -6.34
N LEU A 153 -0.80 12.89 -5.23
CA LEU A 153 -0.66 11.57 -4.63
C LEU A 153 -2.02 11.02 -4.21
N ILE A 154 -2.78 11.83 -3.47
CA ILE A 154 -4.13 11.42 -3.06
C ILE A 154 -4.96 11.01 -4.26
N SER A 155 -4.93 11.83 -5.32
CA SER A 155 -5.74 11.55 -6.50
C SER A 155 -5.30 10.28 -7.20
N HIS A 156 -4.00 9.98 -7.17
CA HIS A 156 -3.51 8.78 -7.81
C HIS A 156 -4.12 7.54 -7.21
N PHE A 157 -4.29 7.53 -5.89
CA PHE A 157 -4.84 6.39 -5.19
C PHE A 157 -6.35 6.51 -4.96
N ASN A 158 -7.00 7.39 -5.74
CA ASN A 158 -8.45 7.57 -5.74
C ASN A 158 -9.00 7.76 -4.35
N ASP A 159 -8.29 8.59 -3.59
CA ASP A 159 -8.65 8.87 -2.21
C ASP A 159 -9.16 10.29 -2.02
N GLU A 160 -9.66 10.92 -3.08
CA GLU A 160 -10.11 12.30 -2.97
C GLU A 160 -11.26 12.44 -2.00
N ALA A 161 -11.97 11.35 -1.70
CA ALA A 161 -13.11 11.40 -0.80
C ALA A 161 -12.70 11.38 0.67
N ILE A 162 -11.53 10.84 0.99
CA ILE A 162 -11.05 10.87 2.38
C ILE A 162 -10.61 12.27 2.79
N VAL A 163 -10.47 13.17 1.82
CA VAL A 163 -10.11 14.54 2.14
C VAL A 163 -11.21 15.15 2.99
N ASN A 164 -10.85 15.62 4.18
CA ASN A 164 -11.76 16.32 5.07
C ASN A 164 -11.40 17.82 5.11
N LYS A 165 -12.00 18.53 6.07
CA LYS A 165 -11.74 19.97 6.20
C LYS A 165 -10.28 20.25 6.57
N ASP A 166 -9.66 19.38 7.38
CA ASP A 166 -8.30 19.62 7.83
C ASP A 166 -7.31 19.46 6.68
N ILE A 167 -7.39 18.36 5.95
CA ILE A 167 -6.49 18.15 4.82
C ILE A 167 -6.67 19.27 3.81
N ALA A 168 -7.92 19.57 3.45
CA ALA A 168 -8.18 20.57 2.42
C ALA A 168 -7.66 21.93 2.85
N SER A 169 -7.80 22.27 4.14
CA SER A 169 -7.39 23.60 4.60
C SER A 169 -5.86 23.76 4.54
N VAL A 170 -5.14 22.74 4.98
CA VAL A 170 -3.70 22.92 5.03
C VAL A 170 -3.10 22.84 3.64
N LEU A 171 -3.69 22.02 2.76
CA LEU A 171 -3.15 21.93 1.41
C LEU A 171 -3.49 23.20 0.63
N TYR A 172 -4.65 23.79 0.92
CA TYR A 172 -5.05 25.04 0.28
C TYR A 172 -4.09 26.14 0.66
N LEU A 173 -3.77 26.28 1.95
CA LEU A 173 -2.87 27.34 2.34
C LEU A 173 -1.50 27.14 1.69
N GLY A 174 -1.05 25.90 1.57
CA GLY A 174 0.24 25.62 0.95
C GLY A 174 0.29 26.04 -0.51
N ILE A 175 -0.77 25.75 -1.27
CA ILE A 175 -0.81 26.18 -2.67
C ILE A 175 -0.84 27.69 -2.78
N VAL A 176 -1.65 28.32 -1.93
CA VAL A 176 -1.76 29.77 -1.90
C VAL A 176 -0.41 30.39 -1.56
N GLY A 177 0.30 29.82 -0.59
CA GLY A 177 1.59 30.38 -0.22
C GLY A 177 2.54 30.43 -1.38
N ASP A 178 2.66 29.33 -2.13
CA ASP A 178 3.68 29.29 -3.20
C ASP A 178 3.26 29.92 -4.53
N THR A 179 1.98 30.25 -4.70
CA THR A 179 1.48 30.92 -5.89
C THR A 179 1.16 32.39 -5.63
N GLY A 180 1.32 32.87 -4.41
CA GLY A 180 0.88 34.21 -4.04
C GLY A 180 -0.60 34.34 -4.24
N ARG A 181 -1.36 33.32 -3.80
CA ARG A 181 -2.80 33.21 -4.13
C ARG A 181 -3.04 33.31 -5.63
N PHE A 182 -2.55 32.30 -6.37
CA PHE A 182 -2.86 32.12 -7.79
C PHE A 182 -2.32 33.28 -8.66
N LEU A 183 -1.27 33.97 -8.18
CA LEU A 183 -0.70 35.10 -8.92
C LEU A 183 0.47 34.70 -9.82
N PHE A 184 1.41 33.90 -9.30
CA PHE A 184 2.67 33.67 -10.01
C PHE A 184 2.47 32.73 -11.20
N ASN A 185 3.53 32.65 -12.03
CA ASN A 185 3.53 31.80 -13.20
C ASN A 185 3.51 30.33 -12.87
N ASN A 186 3.80 29.94 -11.64
CA ASN A 186 3.65 28.52 -11.34
C ASN A 186 2.18 28.10 -11.15
N THR A 187 1.22 29.02 -11.24
CA THR A 187 -0.20 28.63 -11.17
C THR A 187 -0.68 28.05 -12.50
N SER A 188 -0.99 26.75 -12.52
CA SER A 188 -1.49 26.12 -13.74
C SER A 188 -3.01 25.95 -13.67
N GLU A 189 -3.61 25.50 -14.78
CA GLU A 189 -5.03 25.10 -14.77
C GLU A 189 -5.27 23.99 -13.77
N HIS A 190 -4.37 23.01 -13.72
CA HIS A 190 -4.44 21.97 -12.70
C HIS A 190 -4.40 22.55 -11.29
N THR A 191 -3.58 23.58 -11.06
CA THR A 191 -3.53 24.24 -9.76
C THR A 191 -4.90 24.79 -9.37
N MET A 192 -5.56 25.46 -10.30
CA MET A 192 -6.83 26.08 -9.97
C MET A 192 -7.90 25.01 -9.72
N GLU A 193 -7.88 23.94 -10.52
CA GLU A 193 -8.84 22.86 -10.36
C GLU A 193 -8.72 22.22 -8.98
N ILE A 194 -7.48 21.97 -8.52
CA ILE A 194 -7.27 21.46 -7.18
C ILE A 194 -7.82 22.41 -6.13
N ALA A 195 -7.48 23.71 -6.26
CA ALA A 195 -7.87 24.66 -5.23
C ALA A 195 -9.38 24.85 -5.20
N GLY A 196 -10.03 24.74 -6.36
CA GLY A 196 -11.50 24.71 -6.38
C GLY A 196 -12.06 23.55 -5.60
N LYS A 197 -11.52 22.34 -5.81
CA LYS A 197 -12.00 21.17 -5.07
C LYS A 197 -11.77 21.31 -3.58
N LEU A 198 -10.64 21.89 -3.18
CA LEU A 198 -10.34 22.12 -1.78
C LEU A 198 -11.34 23.08 -1.15
N ILE A 199 -11.67 24.15 -1.86
CA ILE A 199 -12.67 25.10 -1.35
C ILE A 199 -14.02 24.42 -1.22
N GLY A 200 -14.32 23.49 -2.13
CA GLY A 200 -15.50 22.63 -2.08
C GLY A 200 -15.72 21.90 -0.75
N HIS A 201 -14.71 21.83 0.10
CA HIS A 201 -14.80 21.13 1.39
C HIS A 201 -15.21 22.04 2.53
N ASP A 202 -15.69 23.24 2.21
CA ASP A 202 -16.20 24.21 3.18
C ASP A 202 -15.12 24.55 4.21
N ILE A 203 -14.02 25.12 3.72
CA ILE A 203 -12.92 25.44 4.60
C ILE A 203 -12.91 26.90 5.03
N ASP A 204 -13.90 27.70 4.61
CA ASP A 204 -13.89 29.13 4.92
C ASP A 204 -12.57 29.79 4.52
N HIS A 205 -12.32 29.75 3.21
CA HIS A 205 -11.02 30.14 2.69
C HIS A 205 -10.70 31.60 2.99
N ASN A 206 -11.73 32.45 2.99
CA ASN A 206 -11.50 33.85 3.32
C ASN A 206 -10.92 34.01 4.71
N ALA A 207 -11.49 33.29 5.69
CA ALA A 207 -11.00 33.38 7.06
C ALA A 207 -9.56 32.89 7.15
N LEU A 208 -9.26 31.78 6.47
CA LEU A 208 -7.89 31.27 6.46
C LEU A 208 -6.93 32.28 5.86
N LEU A 209 -7.29 32.87 4.71
CA LEU A 209 -6.40 33.80 4.02
C LEU A 209 -6.16 35.05 4.85
N ASN A 210 -7.23 35.54 5.51
CA ASN A 210 -7.10 36.68 6.40
C ASN A 210 -6.15 36.37 7.54
N LYS A 211 -6.26 35.18 8.14
CA LYS A 211 -5.31 34.79 9.19
C LYS A 211 -3.88 34.73 8.65
N MET A 212 -3.68 34.15 7.47
CA MET A 212 -2.31 34.04 6.94
C MET A 212 -1.73 35.40 6.64
N MET A 213 -2.54 36.36 6.22
CA MET A 213 -2.00 37.64 5.78
C MET A 213 -1.85 38.65 6.89
N GLU A 214 -2.29 38.30 8.11
CA GLU A 214 -2.26 39.20 9.24
C GLU A 214 -0.82 39.52 9.62
N LYS A 215 -0.58 40.78 10.00
CA LYS A 215 0.75 41.33 10.14
C LYS A 215 1.04 41.60 11.60
N ASP A 216 2.29 41.27 12.01
CA ASP A 216 2.81 41.62 13.32
C ASP A 216 3.16 43.09 13.33
N PRO A 217 2.54 43.90 14.20
CA PRO A 217 2.75 45.36 14.15
C PRO A 217 4.22 45.76 14.24
N LYS A 218 5.04 45.02 14.99
CA LYS A 218 6.42 45.42 15.21
C LYS A 218 7.30 45.29 13.96
N MET A 219 6.81 44.63 12.90
CA MET A 219 7.61 44.49 11.69
C MET A 219 7.35 45.59 10.68
N LEU A 220 6.24 46.33 10.82
CA LEU A 220 5.85 47.32 9.82
C LEU A 220 6.81 48.50 9.70
N PRO A 221 7.40 49.06 10.76
CA PRO A 221 8.36 50.14 10.52
C PRO A 221 9.50 49.71 9.63
N PHE A 222 9.98 48.47 9.77
CA PHE A 222 11.00 48.00 8.83
C PHE A 222 10.48 47.94 7.40
N GLN A 223 9.26 47.42 7.20
CA GLN A 223 8.68 47.40 5.85
C GLN A 223 8.66 48.80 5.24
N GLY A 224 8.44 49.81 6.08
CA GLY A 224 8.48 51.18 5.60
C GLY A 224 9.88 51.62 5.18
N TYR A 225 10.90 51.09 5.85
CA TYR A 225 12.26 51.36 5.38
C TYR A 225 12.44 50.86 3.97
N VAL A 226 11.93 49.66 3.71
CA VAL A 226 12.01 49.12 2.36
C VAL A 226 11.34 50.05 1.37
N LEU A 227 10.11 50.47 1.68
CA LEU A 227 9.35 51.34 0.79
C LEU A 227 10.05 52.66 0.52
N GLN A 228 10.87 53.14 1.47
CA GLN A 228 11.56 54.43 1.33
C GLN A 228 13.03 54.34 0.90
N HIS A 229 13.59 53.14 0.75
CA HIS A 229 15.02 53.03 0.45
C HIS A 229 15.26 52.04 -0.68
N PHE A 230 14.26 51.79 -1.53
CA PHE A 230 14.47 50.96 -2.69
C PHE A 230 15.11 51.79 -3.80
N GLU A 231 15.93 51.14 -4.63
CA GLU A 231 16.68 51.80 -5.71
C GLU A 231 16.23 51.17 -7.03
N LEU A 232 15.40 51.88 -7.77
CA LEU A 232 14.94 51.42 -9.08
C LEU A 232 15.72 52.13 -10.17
N MET A 233 16.28 51.36 -11.09
CA MET A 233 16.99 51.95 -12.22
C MET A 233 16.11 51.93 -13.46
N ASP A 234 16.40 52.87 -14.37
CA ASP A 234 15.65 52.95 -15.62
C ASP A 234 15.77 51.66 -16.43
N ASP A 235 16.77 50.84 -16.10
CA ASP A 235 16.97 49.53 -16.70
C ASP A 235 15.80 48.58 -16.43
N GLY A 236 15.05 48.79 -15.33
CA GLY A 236 14.05 47.83 -14.88
C GLY A 236 14.52 47.01 -13.70
N PHE A 237 15.69 47.34 -13.17
CA PHE A 237 16.29 46.65 -12.04
C PHE A 237 16.02 47.45 -10.79
N CYS A 238 15.81 46.75 -9.68
CA CYS A 238 15.64 47.42 -8.41
C CYS A 238 16.37 46.62 -7.35
N GLN A 239 16.89 47.33 -6.35
CA GLN A 239 17.61 46.69 -5.28
C GLN A 239 17.19 47.29 -3.94
N VAL A 240 17.13 46.41 -2.93
CA VAL A 240 16.91 46.76 -1.54
C VAL A 240 18.02 46.11 -0.75
N LYS A 241 18.89 46.92 -0.14
CA LYS A 241 20.04 46.44 0.63
C LYS A 241 19.83 46.73 2.11
N ILE A 242 19.71 45.66 2.89
CA ILE A 242 19.51 45.74 4.34
C ILE A 242 20.83 45.41 5.02
N THR A 243 21.47 46.42 5.62
CA THR A 243 22.70 46.31 6.40
C THR A 243 22.39 45.83 7.82
N GLU A 244 23.45 45.37 8.50
CA GLU A 244 23.31 44.84 9.86
C GLU A 244 22.85 45.93 10.82
N ASP A 245 23.28 47.18 10.57
CA ASP A 245 22.89 48.30 11.41
C ASP A 245 21.41 48.63 11.26
N VAL A 246 20.84 48.40 10.07
CA VAL A 246 19.42 48.63 9.86
C VAL A 246 18.60 47.64 10.67
N LEU A 247 18.92 46.34 10.58
CA LEU A 247 18.22 45.33 11.37
C LEU A 247 18.26 45.66 12.85
N GLU A 248 19.38 46.26 13.29
CA GLU A 248 19.53 46.70 14.67
C GLU A 248 18.67 47.93 14.96
N GLN A 249 18.66 48.91 14.05
CA GLN A 249 17.82 50.09 14.23
C GLN A 249 16.37 49.72 14.47
N PHE A 250 15.87 48.65 13.84
CA PHE A 250 14.46 48.27 13.94
C PHE A 250 14.21 47.05 14.84
N GLY A 251 15.26 46.45 15.40
CA GLY A 251 15.08 45.32 16.31
C GLY A 251 14.47 44.09 15.67
N ILE A 252 14.84 43.79 14.42
CA ILE A 252 14.26 42.67 13.68
C ILE A 252 15.35 41.67 13.32
N GLN A 253 14.93 40.43 13.07
CA GLN A 253 15.88 39.37 12.73
C GLN A 253 15.93 39.18 11.21
N PRO A 254 17.07 38.71 10.69
CA PRO A 254 17.22 38.60 9.22
C PRO A 254 16.16 37.74 8.52
N ASN A 255 15.64 36.69 9.14
CA ASN A 255 14.56 35.93 8.50
C ASN A 255 13.30 36.78 8.45
N GLU A 256 13.07 37.55 9.51
CA GLU A 256 11.93 38.48 9.54
C GLU A 256 12.04 39.51 8.43
N ALA A 257 13.25 40.02 8.16
CA ALA A 257 13.41 41.02 7.11
C ALA A 257 13.14 40.42 5.73
N SER A 258 13.52 39.14 5.54
CA SER A 258 13.36 38.47 4.25
C SER A 258 11.90 38.34 3.82
N GLN A 259 10.96 38.44 4.75
CA GLN A 259 9.56 38.26 4.38
C GLN A 259 9.01 39.45 3.59
N PHE A 260 9.83 40.48 3.37
CA PHE A 260 9.41 41.68 2.66
C PHE A 260 10.02 41.79 1.26
N VAL A 261 10.43 40.64 0.69
CA VAL A 261 11.11 40.60 -0.60
C VAL A 261 10.21 41.15 -1.71
N ASN A 262 8.89 40.86 -1.63
CA ASN A 262 7.91 41.30 -2.61
C ASN A 262 7.20 42.61 -2.28
N THR A 263 7.64 43.31 -1.24
CA THR A 263 6.96 44.58 -0.87
C THR A 263 6.92 45.57 -2.03
N ILE A 264 7.97 45.62 -2.85
CA ILE A 264 8.05 46.57 -3.95
C ILE A 264 7.57 45.97 -5.28
N ALA A 265 6.97 44.78 -5.28
CA ALA A 265 6.85 44.10 -6.57
C ALA A 265 5.91 44.82 -7.56
N ASP A 266 5.01 45.68 -7.08
CA ASP A 266 3.97 46.27 -7.93
C ASP A 266 4.45 47.53 -8.64
N ILE A 267 5.67 47.98 -8.34
CA ILE A 267 6.25 49.20 -8.96
C ILE A 267 6.11 49.14 -10.48
N LYS A 268 5.62 50.22 -11.09
CA LYS A 268 5.51 50.29 -12.57
C LYS A 268 6.91 50.27 -13.19
N GLY A 269 7.13 49.38 -14.15
CA GLY A 269 8.43 49.32 -14.86
C GLY A 269 9.41 48.39 -14.17
N LEU A 270 8.94 47.65 -13.16
CA LEU A 270 9.82 46.71 -12.50
C LEU A 270 10.00 45.47 -13.39
N LYS A 271 11.24 44.98 -13.46
CA LYS A 271 11.54 43.81 -14.29
C LYS A 271 12.35 42.79 -13.49
N ILE A 272 13.39 43.24 -12.79
CA ILE A 272 14.23 42.37 -11.98
C ILE A 272 14.55 43.08 -10.67
N TRP A 273 14.51 42.33 -9.57
CA TRP A 273 14.88 42.92 -8.28
C TRP A 273 15.53 41.88 -7.37
N VAL A 274 16.34 42.40 -6.45
CA VAL A 274 17.07 41.58 -5.48
C VAL A 274 16.89 42.21 -4.09
N PHE A 275 16.64 41.35 -3.11
CA PHE A 275 16.47 41.72 -1.70
C PHE A 275 17.60 41.08 -0.93
N ALA A 276 18.50 41.92 -0.40
CA ALA A 276 19.75 41.49 0.22
C ALA A 276 19.75 41.87 1.71
N VAL A 277 19.93 40.86 2.58
CA VAL A 277 19.99 41.07 4.03
C VAL A 277 21.31 40.51 4.56
N ASP A 278 22.14 41.40 5.13
CA ASP A 278 23.42 40.97 5.77
C ASP A 278 23.09 40.20 7.05
N GLU A 279 23.28 38.89 7.02
CA GLU A 279 22.92 38.05 8.18
C GLU A 279 24.14 37.86 9.07
N GLY A 280 25.23 38.57 8.78
CA GLY A 280 26.48 38.42 9.55
C GLY A 280 27.27 37.26 8.98
N ASN A 281 28.42 37.55 8.37
CA ASN A 281 29.28 36.49 7.75
C ASN A 281 28.61 35.89 6.52
N GLU A 282 27.50 36.47 6.03
CA GLU A 282 26.75 35.95 4.85
C GLU A 282 25.61 36.93 4.52
N ILE A 283 25.47 37.32 3.26
CA ILE A 283 24.36 38.17 2.83
C ILE A 283 23.38 37.29 2.03
N ARG A 284 22.19 37.09 2.59
CA ARG A 284 21.18 36.22 1.94
C ARG A 284 20.40 37.05 0.91
N CYS A 285 20.41 36.59 -0.33
CA CYS A 285 19.78 37.40 -1.40
C CYS A 285 18.61 36.65 -2.03
N ARG A 286 17.46 37.31 -2.13
CA ARG A 286 16.32 36.74 -2.80
C ARG A 286 16.21 37.42 -4.16
N LEU A 287 16.26 36.60 -5.20
CA LEU A 287 16.29 37.12 -6.58
C LEU A 287 14.92 36.89 -7.19
N ARG A 288 14.37 37.94 -7.79
CA ARG A 288 12.99 37.80 -8.34
C ARG A 288 12.94 38.45 -9.71
N SER A 289 12.06 37.95 -10.57
CA SER A 289 11.97 38.49 -11.95
C SER A 289 10.52 38.51 -12.44
N LYS A 290 10.23 39.39 -13.38
CA LYS A 290 8.87 39.54 -13.93
C LYS A 290 8.78 38.85 -15.28
N GLY A 291 7.64 38.18 -15.51
CA GLY A 291 7.41 37.51 -16.78
C GLY A 291 8.27 36.27 -16.99
N GLN A 292 8.68 36.05 -18.24
CA GLN A 292 9.51 34.90 -18.60
C GLN A 292 11.00 35.21 -18.55
N LEU A 293 11.39 36.23 -17.77
CA LEU A 293 12.79 36.54 -17.55
C LEU A 293 13.42 35.46 -16.67
N ILE A 294 14.74 35.27 -16.84
CA ILE A 294 15.44 34.16 -16.19
C ILE A 294 16.48 34.73 -15.22
N ILE A 295 16.43 34.25 -13.97
CA ILE A 295 17.42 34.65 -12.93
C ILE A 295 18.01 33.38 -12.28
N ASN A 296 17.35 32.23 -12.46
CA ASN A 296 17.79 30.95 -11.85
C ASN A 296 19.21 30.64 -12.30
N ASP A 297 19.52 30.95 -13.56
CA ASP A 297 20.87 30.71 -14.11
C ASP A 297 21.90 31.50 -13.28
N ILE A 298 21.73 32.81 -13.17
CA ILE A 298 22.73 33.65 -12.45
C ILE A 298 22.80 33.16 -11.01
N ALA A 299 21.68 32.66 -10.49
CA ALA A 299 21.66 32.14 -9.11
C ALA A 299 22.62 30.96 -9.02
N GLN A 300 22.45 29.98 -9.91
CA GLN A 300 23.37 28.81 -9.92
C GLN A 300 24.81 29.29 -10.12
N ASP A 301 25.01 30.35 -10.90
CA ASP A 301 26.39 30.84 -11.20
C ASP A 301 27.08 31.33 -9.91
N PHE A 302 26.32 31.59 -8.84
CA PHE A 302 26.83 32.12 -7.58
C PHE A 302 26.60 31.13 -6.45
N GLY A 303 26.33 29.88 -6.78
CA GLY A 303 26.10 28.88 -5.77
C GLY A 303 24.68 28.77 -5.28
N GLY A 304 23.74 29.42 -5.97
CA GLY A 304 22.35 29.41 -5.52
C GLY A 304 21.45 28.58 -6.41
N GLY A 305 20.15 28.83 -6.34
CA GLY A 305 19.18 28.08 -7.17
C GLY A 305 17.76 28.15 -6.63
N GLY A 306 16.84 27.51 -7.33
CA GLY A 306 15.41 27.52 -6.95
C GLY A 306 14.54 27.56 -8.19
N HIS A 307 13.57 28.47 -8.23
CA HIS A 307 12.70 28.63 -9.43
C HIS A 307 13.29 29.72 -10.33
N PRO A 308 13.11 29.66 -11.67
CA PRO A 308 13.59 30.72 -12.57
C PRO A 308 13.05 32.13 -12.33
N ASN A 309 11.99 32.27 -11.55
CA ASN A 309 11.46 33.62 -11.21
C ASN A 309 11.60 33.84 -9.69
N ALA A 310 11.98 32.81 -8.94
CA ALA A 310 12.15 32.93 -7.48
C ALA A 310 13.29 32.04 -7.00
N SER A 311 14.50 32.57 -6.95
CA SER A 311 15.67 31.76 -6.52
C SER A 311 16.45 32.50 -5.43
N GLY A 312 17.33 31.78 -4.73
CA GLY A 312 18.10 32.38 -3.63
C GLY A 312 19.60 32.23 -3.79
N VAL A 313 20.37 33.23 -3.40
CA VAL A 313 21.83 33.22 -3.47
C VAL A 313 22.35 33.82 -2.16
N SER A 314 23.50 33.32 -1.70
CA SER A 314 24.23 33.96 -0.60
C SER A 314 25.60 34.46 -1.08
N VAL A 315 25.92 35.69 -0.71
CA VAL A 315 27.21 36.29 -1.01
C VAL A 315 27.88 36.58 0.32
N ASP A 316 29.16 36.93 0.26
CA ASP A 316 29.92 37.16 1.49
C ASP A 316 30.43 38.58 1.66
N SER A 317 30.07 39.51 0.76
CA SER A 317 30.38 40.93 0.96
C SER A 317 29.49 41.77 0.06
N TRP A 318 29.52 43.08 0.28
CA TRP A 318 28.75 43.96 -0.59
C TRP A 318 29.40 44.17 -1.94
N ASP A 319 30.71 44.01 -2.04
CA ASP A 319 31.38 43.98 -3.33
C ASP A 319 30.93 42.79 -4.17
N GLU A 320 30.74 41.63 -3.54
CA GLU A 320 30.23 40.48 -4.30
C GLU A 320 28.75 40.67 -4.67
N PHE A 321 27.98 41.40 -3.85
CA PHE A 321 26.60 41.73 -4.22
C PHE A 321 26.57 42.54 -5.51
N GLU A 322 27.43 43.55 -5.59
CA GLU A 322 27.48 44.40 -6.79
C GLU A 322 27.72 43.56 -8.04
N GLN A 323 28.41 42.44 -7.91
CA GLN A 323 28.61 41.55 -9.04
C GLN A 323 27.35 40.77 -9.36
N LEU A 324 26.65 40.31 -8.31
CA LEU A 324 25.33 39.71 -8.48
C LEU A 324 24.39 40.68 -9.17
N ALA A 325 24.49 41.96 -8.82
CA ALA A 325 23.72 43.02 -9.47
C ALA A 325 24.07 43.12 -10.94
N THR A 326 25.31 43.55 -11.24
CA THR A 326 25.77 43.71 -12.61
C THR A 326 25.32 42.54 -13.49
N ALA A 327 25.62 41.34 -13.03
CA ALA A 327 25.22 40.15 -13.81
C ALA A 327 23.71 40.15 -14.05
N LEU A 328 22.92 40.47 -13.03
CA LEU A 328 21.45 40.44 -13.17
C LEU A 328 21.00 41.53 -14.16
N ARG A 329 21.69 42.67 -14.21
CA ARG A 329 21.26 43.80 -15.08
C ARG A 329 21.56 43.49 -16.56
N THR A 330 22.44 42.52 -16.82
CA THR A 330 22.74 42.13 -18.23
C THR A 330 21.52 41.44 -18.80
N LYS A 331 20.77 40.74 -17.94
CA LYS A 331 19.55 40.02 -18.38
C LYS A 331 18.45 41.02 -18.71
N LEU A 332 18.77 42.32 -18.66
CA LEU A 332 17.77 43.39 -18.93
C LEU A 332 16.65 43.32 -17.88
N GLU B 13 -32.48 14.34 -16.48
CA GLU B 13 -31.99 15.30 -17.51
C GLU B 13 -32.31 16.72 -17.06
N ASN B 14 -33.57 17.01 -16.74
CA ASN B 14 -33.95 18.33 -16.20
C ASN B 14 -33.10 18.61 -14.96
N LEU B 15 -32.67 19.85 -14.80
CA LEU B 15 -31.88 20.21 -13.61
C LEU B 15 -32.71 19.98 -12.34
N TYR B 16 -34.04 20.04 -12.46
CA TYR B 16 -34.90 19.77 -11.30
C TYR B 16 -34.88 18.27 -10.97
N PHE B 17 -34.96 17.42 -12.00
CA PHE B 17 -34.86 15.98 -11.81
C PHE B 17 -33.58 15.62 -11.07
N GLN B 18 -32.46 16.23 -11.49
CA GLN B 18 -31.17 15.92 -10.88
C GLN B 18 -31.15 16.32 -9.41
N GLY B 19 -31.68 17.50 -9.11
CA GLY B 19 -31.71 17.95 -7.72
C GLY B 19 -32.60 17.09 -6.85
N HIS B 20 -33.77 16.69 -7.37
CA HIS B 20 -34.64 15.79 -6.62
C HIS B 20 -33.99 14.43 -6.40
N MET B 21 -33.28 13.93 -7.43
CA MET B 21 -32.57 12.65 -7.31
C MET B 21 -31.60 12.67 -6.13
N ILE B 22 -30.77 13.72 -6.03
CA ILE B 22 -29.83 13.81 -4.94
C ILE B 22 -30.55 13.85 -3.60
N SER B 23 -31.64 14.61 -3.53
CA SER B 23 -32.39 14.75 -2.29
C SER B 23 -33.05 13.42 -1.93
N THR B 24 -33.56 12.70 -2.92
CA THR B 24 -34.13 11.39 -2.68
C THR B 24 -33.07 10.43 -2.19
N LEU B 25 -31.91 10.41 -2.85
CA LEU B 25 -30.89 9.43 -2.48
C LEU B 25 -30.48 9.62 -1.03
N ASN B 26 -30.41 10.86 -0.57
CA ASN B 26 -30.05 11.11 0.81
C ASN B 26 -31.17 10.71 1.76
N GLU B 27 -32.41 10.95 1.36
CA GLU B 27 -33.54 10.57 2.20
C GLU B 27 -33.61 9.06 2.40
N ILE B 28 -33.28 8.29 1.36
CA ILE B 28 -33.22 6.84 1.52
C ILE B 28 -32.17 6.46 2.54
N MET B 29 -30.97 7.02 2.43
CA MET B 29 -29.90 6.69 3.36
C MET B 29 -30.27 7.05 4.79
N LYS B 30 -30.88 8.22 4.97
CA LYS B 30 -31.36 8.60 6.30
C LYS B 30 -32.26 7.52 6.88
N CYS B 31 -33.27 7.09 6.11
CA CYS B 31 -34.20 6.07 6.61
C CYS B 31 -33.48 4.78 6.94
N ILE B 32 -32.46 4.41 6.16
CA ILE B 32 -31.68 3.22 6.48
C ILE B 32 -30.97 3.39 7.82
N GLU B 33 -30.36 4.55 8.04
CA GLU B 33 -29.67 4.82 9.30
C GLU B 33 -30.65 4.79 10.47
N ASP B 34 -31.86 5.34 10.27
CA ASP B 34 -32.86 5.45 11.32
C ASP B 34 -33.66 4.18 11.56
N ASN B 35 -33.34 3.08 10.89
CA ASN B 35 -34.10 1.84 11.05
C ASN B 35 -33.12 0.70 11.23
N ASP B 36 -33.26 -0.04 12.33
CA ASP B 36 -32.37 -1.16 12.59
C ASP B 36 -32.80 -2.44 11.91
N THR B 37 -34.00 -2.47 11.32
CA THR B 37 -34.48 -3.62 10.54
C THR B 37 -34.87 -3.14 9.16
N ILE B 38 -34.22 -3.69 8.14
CA ILE B 38 -34.51 -3.38 6.74
C ILE B 38 -34.85 -4.68 6.04
N ILE B 39 -35.99 -4.69 5.34
CA ILE B 39 -36.46 -5.85 4.60
C ILE B 39 -36.62 -5.46 3.15
N ILE B 40 -36.15 -6.32 2.25
CA ILE B 40 -36.06 -6.00 0.83
C ILE B 40 -36.84 -7.02 0.02
N HIS B 41 -37.69 -6.51 -0.88
CA HIS B 41 -38.54 -7.28 -1.77
C HIS B 41 -38.20 -7.00 -3.22
N ARG B 42 -38.60 -7.92 -4.09
CA ARG B 42 -38.52 -7.72 -5.53
C ARG B 42 -39.81 -8.26 -6.12
N HIS B 43 -39.83 -8.45 -7.44
CA HIS B 43 -41.05 -8.82 -8.13
C HIS B 43 -41.15 -10.33 -8.29
N VAL B 44 -42.39 -10.79 -8.44
CA VAL B 44 -42.67 -12.16 -8.77
C VAL B 44 -42.10 -12.52 -10.13
N ARG B 45 -41.95 -13.82 -10.36
CA ARG B 45 -41.26 -14.33 -11.54
C ARG B 45 -39.92 -13.60 -11.64
N PRO B 46 -39.09 -13.64 -10.60
CA PRO B 46 -37.84 -12.87 -10.59
C PRO B 46 -36.93 -13.19 -11.76
N ASP B 47 -36.07 -12.22 -12.08
CA ASP B 47 -35.05 -12.34 -13.11
C ASP B 47 -33.71 -11.99 -12.45
N PRO B 48 -32.58 -12.15 -13.16
CA PRO B 48 -31.30 -11.83 -12.50
C PRO B 48 -31.27 -10.45 -11.90
N ASP B 49 -31.90 -9.46 -12.53
CA ASP B 49 -31.80 -8.10 -12.00
C ASP B 49 -32.56 -7.96 -10.68
N ALA B 50 -33.65 -8.74 -10.50
CA ALA B 50 -34.42 -8.64 -9.26
C ALA B 50 -33.63 -9.24 -8.10
N TYR B 51 -32.98 -10.39 -8.35
CA TYR B 51 -32.08 -11.02 -7.37
C TYR B 51 -30.89 -10.11 -7.06
N GLY B 52 -30.26 -9.60 -8.12
CA GLY B 52 -29.00 -8.89 -7.96
C GLY B 52 -29.15 -7.58 -7.23
N SER B 53 -30.18 -6.80 -7.60
CA SER B 53 -30.41 -5.54 -6.92
C SER B 53 -30.81 -5.75 -5.46
N GLN B 54 -31.64 -6.75 -5.19
CA GLN B 54 -32.11 -7.02 -3.83
C GLN B 54 -30.94 -7.42 -2.93
N LEU B 55 -30.22 -8.47 -3.34
CA LEU B 55 -29.15 -9.01 -2.51
C LEU B 55 -27.95 -8.07 -2.49
N GLY B 56 -27.75 -7.32 -3.56
CA GLY B 56 -26.72 -6.29 -3.56
C GLY B 56 -26.97 -5.24 -2.51
N LEU B 57 -28.19 -4.68 -2.49
CA LEU B 57 -28.51 -3.66 -1.50
C LEU B 57 -28.44 -4.21 -0.09
N LYS B 58 -28.94 -5.43 0.11
CA LYS B 58 -28.81 -6.08 1.41
C LYS B 58 -27.35 -6.19 1.83
N TYR B 59 -26.53 -6.86 1.00
CA TYR B 59 -25.13 -7.06 1.33
C TYR B 59 -24.43 -5.74 1.57
N TYR B 60 -24.90 -4.67 0.93
CA TYR B 60 -24.24 -3.36 1.07
C TYR B 60 -24.55 -2.76 2.43
N ILE B 61 -25.82 -2.76 2.82
CA ILE B 61 -26.18 -2.26 4.14
C ILE B 61 -25.55 -3.13 5.22
N GLN B 62 -25.42 -4.43 4.96
CA GLN B 62 -24.84 -5.33 5.95
C GLN B 62 -23.37 -5.02 6.20
N GLN B 63 -22.68 -4.46 5.20
CA GLN B 63 -21.26 -4.15 5.34
C GLN B 63 -21.04 -2.74 5.82
N LYS B 64 -21.93 -1.82 5.46
CA LYS B 64 -21.87 -0.47 6.01
C LYS B 64 -22.39 -0.43 7.43
N PHE B 65 -23.37 -1.27 7.75
CA PHE B 65 -24.02 -1.32 9.06
C PHE B 65 -24.10 -2.77 9.52
N PRO B 66 -22.99 -3.33 10.02
CA PRO B 66 -22.99 -4.75 10.42
C PRO B 66 -23.86 -5.05 11.64
N GLN B 67 -24.27 -4.02 12.38
CA GLN B 67 -25.13 -4.21 13.55
C GLN B 67 -26.59 -4.36 13.18
N LYS B 68 -26.98 -3.86 12.01
CA LYS B 68 -28.38 -3.87 11.63
C LYS B 68 -28.78 -5.26 11.12
N GLN B 69 -30.09 -5.46 11.01
CA GLN B 69 -30.65 -6.73 10.55
C GLN B 69 -31.31 -6.48 9.20
N VAL B 70 -30.67 -6.96 8.14
CA VAL B 70 -31.12 -6.78 6.77
C VAL B 70 -31.52 -8.13 6.22
N PHE B 71 -32.74 -8.23 5.69
CA PHE B 71 -33.26 -9.50 5.20
C PHE B 71 -33.74 -9.34 3.76
N ALA B 72 -33.59 -10.42 2.99
CA ALA B 72 -34.13 -10.47 1.63
C ALA B 72 -35.16 -11.59 1.58
N VAL B 73 -36.39 -11.24 1.19
CA VAL B 73 -37.53 -12.16 1.23
C VAL B 73 -38.06 -12.41 -0.18
N GLY B 74 -38.88 -13.46 -0.29
CA GLY B 74 -39.52 -13.83 -1.54
C GLY B 74 -39.46 -15.32 -1.83
N GLU B 75 -40.26 -15.79 -2.80
CA GLU B 75 -40.22 -17.18 -3.24
C GLU B 75 -39.00 -17.42 -4.12
N ALA B 76 -38.11 -18.33 -3.72
CA ALA B 76 -36.88 -18.52 -4.46
C ALA B 76 -37.15 -19.18 -5.80
N GLU B 77 -36.32 -18.85 -6.77
CA GLU B 77 -36.35 -19.48 -8.08
C GLU B 77 -35.10 -20.34 -8.21
N SER B 78 -35.30 -21.65 -8.40
CA SER B 78 -34.20 -22.60 -8.47
C SER B 78 -33.17 -22.19 -9.52
N SER B 79 -33.64 -21.67 -10.65
CA SER B 79 -32.73 -21.25 -11.70
C SER B 79 -31.82 -20.11 -11.27
N LEU B 80 -32.17 -19.40 -10.20
CA LEU B 80 -31.47 -18.19 -9.78
C LEU B 80 -30.86 -18.30 -8.39
N SER B 81 -31.09 -19.42 -7.69
CA SER B 81 -30.62 -19.55 -6.31
C SER B 81 -29.11 -19.46 -6.19
N PHE B 82 -28.35 -19.70 -7.27
CA PHE B 82 -26.89 -19.57 -7.18
C PHE B 82 -26.48 -18.14 -6.90
N ILE B 83 -27.32 -17.17 -7.25
CA ILE B 83 -26.96 -15.78 -7.00
C ILE B 83 -26.90 -15.52 -5.50
N GLY B 84 -27.74 -16.19 -4.72
CA GLY B 84 -27.79 -15.92 -3.30
C GLY B 84 -28.98 -16.57 -2.64
N GLU B 85 -28.90 -16.77 -1.34
CA GLU B 85 -29.95 -17.43 -0.58
C GLU B 85 -30.88 -16.36 0.00
N LEU B 86 -32.18 -16.63 -0.08
CA LEU B 86 -33.20 -15.72 0.44
C LEU B 86 -33.47 -16.05 1.90
N ASP B 87 -34.04 -15.07 2.62
CA ASP B 87 -34.29 -15.21 4.06
C ASP B 87 -35.75 -15.55 4.35
N ASN B 88 -35.95 -16.33 5.41
CA ASN B 88 -37.28 -16.70 5.89
C ASN B 88 -37.50 -16.02 7.23
N ILE B 89 -38.42 -15.03 7.25
CA ILE B 89 -38.62 -14.19 8.42
C ILE B 89 -40.11 -14.18 8.77
N ASP B 90 -40.39 -13.93 10.04
CA ASP B 90 -41.77 -14.00 10.53
C ASP B 90 -42.48 -12.67 10.31
N ASP B 91 -43.82 -12.73 10.23
CA ASP B 91 -44.63 -11.52 10.07
C ASP B 91 -44.30 -10.44 11.09
N LYS B 92 -43.78 -10.82 12.26
CA LYS B 92 -43.53 -9.86 13.32
C LYS B 92 -42.33 -8.96 13.01
N THR B 93 -41.34 -9.49 12.28
CA THR B 93 -40.13 -8.74 12.00
C THR B 93 -40.39 -7.40 11.30
N TYR B 94 -41.52 -7.27 10.61
CA TYR B 94 -41.87 -6.06 9.87
C TYR B 94 -42.33 -4.91 10.77
N GLN B 95 -42.53 -5.17 12.06
CA GLN B 95 -42.99 -4.12 12.98
C GLN B 95 -41.96 -3.01 13.09
N ASP B 96 -42.36 -1.79 12.76
CA ASP B 96 -41.48 -0.62 12.85
C ASP B 96 -40.22 -0.80 12.03
N ALA B 97 -40.38 -1.35 10.83
CA ALA B 97 -39.25 -1.69 9.97
C ALA B 97 -39.27 -0.84 8.72
N LEU B 98 -38.13 -0.80 8.04
CA LEU B 98 -38.03 -0.17 6.73
C LEU B 98 -38.14 -1.26 5.68
N VAL B 99 -39.06 -1.08 4.75
CA VAL B 99 -39.23 -1.98 3.62
C VAL B 99 -38.79 -1.24 2.37
N ILE B 100 -37.97 -1.92 1.57
CA ILE B 100 -37.51 -1.44 0.27
C ILE B 100 -37.88 -2.48 -0.77
N VAL B 101 -38.45 -2.02 -1.88
CA VAL B 101 -38.80 -2.87 -3.02
C VAL B 101 -37.98 -2.43 -4.22
N CYS B 102 -37.41 -3.40 -4.91
CA CYS B 102 -36.50 -3.18 -6.03
C CYS B 102 -37.13 -3.76 -7.28
N ASP B 103 -36.89 -3.11 -8.42
CA ASP B 103 -37.13 -3.69 -9.73
C ASP B 103 -38.60 -3.91 -10.08
N THR B 104 -39.53 -3.32 -9.30
CA THR B 104 -40.96 -3.63 -9.40
C THR B 104 -41.79 -2.38 -9.70
N ALA B 105 -42.26 -2.26 -10.94
CA ALA B 105 -42.95 -1.07 -11.39
C ALA B 105 -44.35 -0.96 -10.79
N ASN B 106 -45.01 -2.12 -10.61
CA ASN B 106 -46.41 -2.16 -10.13
C ASN B 106 -46.55 -2.92 -8.81
N ALA B 107 -47.23 -2.33 -7.83
CA ALA B 107 -47.39 -2.94 -6.48
C ALA B 107 -47.98 -4.36 -6.50
N PRO B 108 -49.03 -4.71 -7.28
CA PRO B 108 -49.52 -6.10 -7.32
C PRO B 108 -48.48 -7.16 -7.71
N ARG B 109 -47.37 -6.74 -8.33
CA ARG B 109 -46.35 -7.72 -8.80
C ARG B 109 -45.23 -7.89 -7.77
N ILE B 110 -45.36 -7.29 -6.58
CA ILE B 110 -44.35 -7.53 -5.51
C ILE B 110 -44.55 -8.94 -4.97
N ASP B 111 -43.47 -9.65 -4.62
CA ASP B 111 -43.57 -11.08 -4.22
C ASP B 111 -44.28 -11.22 -2.86
N ASP B 112 -43.63 -10.83 -1.77
CA ASP B 112 -44.26 -11.02 -0.43
C ASP B 112 -45.14 -9.81 -0.13
N GLU B 113 -46.42 -10.04 0.17
CA GLU B 113 -47.39 -8.94 0.37
C GLU B 113 -47.14 -8.17 1.67
N ARG B 114 -46.22 -8.64 2.49
CA ARG B 114 -45.96 -7.99 3.80
C ARG B 114 -45.23 -6.65 3.61
N TYR B 115 -44.86 -6.31 2.39
CA TYR B 115 -44.14 -5.04 2.09
C TYR B 115 -44.85 -3.83 2.72
N SER B 116 -46.19 -3.82 2.77
CA SER B 116 -46.96 -2.67 3.28
C SER B 116 -47.09 -2.68 4.81
N THR B 117 -46.56 -3.70 5.49
CA THR B 117 -46.78 -3.85 6.95
C THR B 117 -45.60 -3.32 7.77
N GLY B 118 -44.82 -2.40 7.20
CA GLY B 118 -43.71 -1.81 7.95
C GLY B 118 -43.97 -0.36 8.32
N ARG B 119 -42.95 0.32 8.85
CA ARG B 119 -43.07 1.74 9.19
C ARG B 119 -42.91 2.65 7.97
N LYS B 120 -42.15 2.22 6.96
CA LYS B 120 -41.88 3.01 5.77
C LYS B 120 -41.62 2.09 4.58
N LEU B 121 -41.92 2.60 3.39
CA LEU B 121 -41.81 1.82 2.16
C LEU B 121 -41.04 2.63 1.13
N ILE B 122 -39.99 2.04 0.56
CA ILE B 122 -39.19 2.72 -0.44
C ILE B 122 -39.23 1.93 -1.73
N LYS B 123 -39.45 2.64 -2.85
CA LYS B 123 -39.42 2.01 -4.16
C LYS B 123 -38.13 2.38 -4.86
N ILE B 124 -37.43 1.39 -5.42
CA ILE B 124 -36.25 1.67 -6.25
C ILE B 124 -36.42 0.91 -7.54
N ASP B 125 -36.51 1.62 -8.66
CA ASP B 125 -36.88 0.90 -9.86
C ASP B 125 -36.36 1.68 -11.06
N HIS B 126 -36.16 0.96 -12.17
CA HIS B 126 -35.77 1.57 -13.43
C HIS B 126 -36.86 1.63 -14.49
N HIS B 127 -38.10 1.03 -14.21
CA HIS B 127 -39.21 1.08 -15.15
C HIS B 127 -39.90 2.45 -15.05
N PRO B 128 -40.64 2.88 -16.08
CA PRO B 128 -41.34 4.18 -15.99
C PRO B 128 -42.21 4.27 -14.75
N ALA B 129 -42.29 5.49 -14.20
CA ALA B 129 -43.00 5.70 -12.94
C ALA B 129 -44.49 5.88 -13.24
N VAL B 130 -45.23 4.76 -13.13
CA VAL B 130 -46.68 4.76 -13.29
C VAL B 130 -47.42 4.44 -11.99
N ASP B 131 -46.76 3.81 -11.01
CA ASP B 131 -47.34 3.41 -9.72
C ASP B 131 -46.37 3.83 -8.63
N GLN B 132 -46.60 5.02 -8.08
CA GLN B 132 -45.72 5.57 -7.05
C GLN B 132 -46.17 5.04 -5.69
N TYR B 133 -46.04 3.72 -5.52
CA TYR B 133 -46.55 3.09 -4.32
C TYR B 133 -45.68 3.33 -3.08
N GLY B 134 -44.40 3.67 -3.23
CA GLY B 134 -43.61 3.98 -2.06
C GLY B 134 -43.91 5.37 -1.42
N ASP B 135 -43.52 5.50 -0.15
CA ASP B 135 -43.39 6.80 0.50
C ASP B 135 -42.30 7.65 -0.14
N ILE B 136 -41.21 7.00 -0.54
CA ILE B 136 -40.11 7.59 -1.29
C ILE B 136 -39.97 6.75 -2.54
N ASN B 137 -40.01 7.39 -3.70
CA ASN B 137 -39.93 6.71 -5.00
C ASN B 137 -38.67 7.11 -5.77
N LEU B 138 -37.70 6.19 -5.85
CA LEU B 138 -36.49 6.37 -6.65
C LEU B 138 -36.70 5.67 -7.99
N VAL B 139 -36.94 6.45 -9.04
CA VAL B 139 -37.09 5.90 -10.37
C VAL B 139 -36.04 6.54 -11.28
N ASN B 140 -35.26 5.71 -11.99
CA ASN B 140 -34.32 6.20 -13.01
C ASN B 140 -34.43 5.35 -14.27
N THR B 141 -35.20 5.83 -15.24
CA THR B 141 -35.36 5.08 -16.49
C THR B 141 -34.14 5.20 -17.39
N ASN B 142 -33.17 6.00 -17.03
CA ASN B 142 -31.98 6.08 -17.86
C ASN B 142 -30.93 5.09 -17.40
N ALA B 143 -31.13 4.47 -16.24
CA ALA B 143 -30.28 3.34 -15.86
C ALA B 143 -30.61 2.13 -16.71
N SER B 144 -29.66 1.20 -16.76
CA SER B 144 -29.86 -0.08 -17.45
C SER B 144 -30.77 -1.02 -16.67
N SER B 145 -30.89 -0.82 -15.37
CA SER B 145 -31.39 -1.88 -14.49
C SER B 145 -31.45 -1.31 -13.08
N THR B 146 -32.13 -2.04 -12.19
CA THR B 146 -32.12 -1.66 -10.78
C THR B 146 -30.76 -1.91 -10.15
N SER B 147 -30.07 -2.96 -10.59
CA SER B 147 -28.74 -3.24 -10.06
C SER B 147 -27.80 -2.07 -10.35
N GLU B 148 -27.91 -1.45 -11.53
CA GLU B 148 -27.13 -0.24 -11.81
C GLU B 148 -27.46 0.90 -10.86
N ILE B 149 -28.75 1.11 -10.56
CA ILE B 149 -29.14 2.15 -9.61
C ILE B 149 -28.53 1.89 -8.23
N ILE B 150 -28.50 0.63 -7.80
CA ILE B 150 -27.93 0.34 -6.49
C ILE B 150 -26.48 0.75 -6.44
N TYR B 151 -25.72 0.46 -7.49
CA TYR B 151 -24.32 0.89 -7.54
C TYR B 151 -24.22 2.42 -7.53
N ASP B 152 -25.11 3.11 -8.26
CA ASP B 152 -25.13 4.58 -8.22
C ASP B 152 -25.34 5.11 -6.81
N LEU B 153 -26.22 4.49 -6.04
CA LEU B 153 -26.36 4.89 -4.64
C LEU B 153 -25.05 4.74 -3.89
N ILE B 154 -24.38 3.60 -4.05
CA ILE B 154 -23.10 3.35 -3.40
C ILE B 154 -22.08 4.40 -3.80
N SER B 155 -22.06 4.77 -5.08
CA SER B 155 -21.13 5.78 -5.57
C SER B 155 -21.48 7.15 -5.03
N HIS B 156 -22.77 7.43 -4.86
CA HIS B 156 -23.19 8.72 -4.33
C HIS B 156 -22.66 8.92 -2.92
N PHE B 157 -22.44 7.84 -2.17
CA PHE B 157 -21.97 7.95 -0.79
C PHE B 157 -20.51 7.53 -0.64
N ASN B 158 -19.76 7.50 -1.73
CA ASN B 158 -18.32 7.23 -1.70
C ASN B 158 -17.99 5.92 -1.00
N ASP B 159 -18.86 4.92 -1.16
CA ASP B 159 -18.73 3.62 -0.54
C ASP B 159 -18.26 2.55 -1.51
N GLU B 160 -17.56 2.98 -2.56
CA GLU B 160 -17.12 2.05 -3.59
C GLU B 160 -16.09 1.06 -3.08
N ALA B 161 -15.46 1.33 -1.93
CA ALA B 161 -14.52 0.38 -1.34
C ALA B 161 -15.19 -0.63 -0.41
N ILE B 162 -16.41 -0.32 0.07
CA ILE B 162 -17.18 -1.30 0.83
C ILE B 162 -17.57 -2.49 -0.04
N VAL B 163 -17.66 -2.29 -1.35
CA VAL B 163 -18.01 -3.35 -2.28
C VAL B 163 -17.08 -4.54 -2.14
N ASN B 164 -17.65 -5.71 -1.91
CA ASN B 164 -16.85 -6.91 -1.78
C ASN B 164 -17.24 -7.86 -2.92
N LYS B 165 -16.70 -9.08 -2.88
CA LYS B 165 -16.93 -10.02 -3.96
C LYS B 165 -18.41 -10.37 -4.08
N ASP B 166 -19.11 -10.51 -2.94
CA ASP B 166 -20.52 -10.87 -2.98
C ASP B 166 -21.36 -9.78 -3.63
N ILE B 167 -21.16 -8.53 -3.22
CA ILE B 167 -21.89 -7.39 -3.78
C ILE B 167 -21.62 -7.26 -5.28
N ALA B 168 -20.34 -7.20 -5.67
CA ALA B 168 -20.01 -7.04 -7.07
C ALA B 168 -20.58 -8.16 -7.91
N SER B 169 -20.50 -9.39 -7.40
CA SER B 169 -21.00 -10.53 -8.17
C SER B 169 -22.49 -10.38 -8.43
N VAL B 170 -23.26 -10.02 -7.42
CA VAL B 170 -24.72 -10.01 -7.61
C VAL B 170 -25.12 -8.83 -8.49
N LEU B 171 -24.54 -7.65 -8.23
CA LEU B 171 -24.86 -6.51 -9.09
C LEU B 171 -24.48 -6.78 -10.52
N TYR B 172 -23.34 -7.45 -10.75
CA TYR B 172 -22.89 -7.76 -12.09
C TYR B 172 -23.89 -8.65 -12.83
N LEU B 173 -24.30 -9.74 -12.18
CA LEU B 173 -25.27 -10.64 -12.82
C LEU B 173 -26.56 -9.89 -13.13
N GLY B 174 -26.96 -9.02 -12.21
CA GLY B 174 -28.09 -8.14 -12.44
C GLY B 174 -27.98 -7.35 -13.73
N ILE B 175 -26.84 -6.65 -13.92
CA ILE B 175 -26.72 -5.81 -15.09
C ILE B 175 -26.62 -6.69 -16.33
N VAL B 176 -25.91 -7.81 -16.24
CA VAL B 176 -25.87 -8.73 -17.38
C VAL B 176 -27.29 -9.19 -17.73
N GLY B 177 -28.11 -9.47 -16.71
CA GLY B 177 -29.45 -10.01 -16.99
C GLY B 177 -30.34 -9.02 -17.73
N ASP B 178 -30.38 -7.78 -17.26
CA ASP B 178 -31.22 -6.80 -17.92
C ASP B 178 -30.64 -6.24 -19.22
N THR B 179 -29.32 -6.35 -19.46
CA THR B 179 -28.81 -5.89 -20.74
C THR B 179 -28.60 -7.03 -21.74
N GLY B 180 -28.89 -8.28 -21.38
CA GLY B 180 -28.52 -9.38 -22.24
C GLY B 180 -27.02 -9.46 -22.44
N ARG B 181 -26.24 -9.16 -21.40
CA ARG B 181 -24.77 -9.08 -21.42
C ARG B 181 -24.33 -7.98 -22.38
N PHE B 182 -24.74 -6.75 -22.04
CA PHE B 182 -24.31 -5.52 -22.71
C PHE B 182 -24.69 -5.50 -24.18
N LEU B 183 -25.72 -6.30 -24.53
CA LEU B 183 -26.23 -6.31 -25.90
C LEU B 183 -27.29 -5.24 -26.18
N PHE B 184 -28.20 -4.97 -25.25
CA PHE B 184 -29.38 -4.18 -25.56
C PHE B 184 -29.08 -2.70 -25.43
N ASN B 185 -29.99 -1.89 -25.99
CA ASN B 185 -29.87 -0.43 -26.06
C ASN B 185 -29.95 0.26 -24.72
N ASN B 186 -30.39 -0.42 -23.68
CA ASN B 186 -30.23 0.17 -22.36
C ASN B 186 -28.79 0.10 -21.82
N THR B 187 -27.83 -0.51 -22.53
CA THR B 187 -26.45 -0.48 -22.06
C THR B 187 -25.86 0.88 -22.42
N SER B 188 -25.55 1.71 -21.42
CA SER B 188 -24.87 2.97 -21.66
C SER B 188 -23.35 2.82 -21.46
N GLU B 189 -22.61 3.89 -21.78
CA GLU B 189 -21.20 3.99 -21.38
C GLU B 189 -21.07 3.85 -19.86
N HIS B 190 -22.00 4.43 -19.10
CA HIS B 190 -21.97 4.33 -17.64
C HIS B 190 -22.20 2.89 -17.20
N THR B 191 -23.12 2.20 -17.84
CA THR B 191 -23.30 0.76 -17.57
C THR B 191 -21.98 0.01 -17.72
N MET B 192 -21.25 0.28 -18.80
CA MET B 192 -20.04 -0.51 -19.07
C MET B 192 -18.97 -0.21 -18.05
N GLU B 193 -18.87 1.04 -17.65
CA GLU B 193 -17.88 1.46 -16.68
C GLU B 193 -18.10 0.77 -15.35
N ILE B 194 -19.37 0.65 -14.93
CA ILE B 194 -19.70 -0.01 -13.66
C ILE B 194 -19.36 -1.49 -13.74
N ALA B 195 -19.73 -2.13 -14.84
CA ALA B 195 -19.48 -3.53 -14.98
C ALA B 195 -17.97 -3.80 -14.97
N GLY B 196 -17.18 -2.86 -15.52
CA GLY B 196 -15.73 -2.96 -15.39
C GLY B 196 -15.26 -2.83 -13.95
N LYS B 197 -15.74 -1.80 -13.24
CA LYS B 197 -15.39 -1.69 -11.81
C LYS B 197 -15.72 -2.95 -11.05
N LEU B 198 -16.85 -3.61 -11.38
CA LEU B 198 -17.25 -4.79 -10.63
C LEU B 198 -16.37 -6.00 -10.95
N ILE B 199 -16.06 -6.22 -12.23
CA ILE B 199 -15.06 -7.23 -12.59
C ILE B 199 -13.71 -7.02 -11.91
N GLY B 200 -13.39 -5.77 -11.58
CA GLY B 200 -12.17 -5.41 -10.88
C GLY B 200 -12.11 -5.83 -9.42
N HIS B 201 -13.22 -6.31 -8.86
CA HIS B 201 -13.22 -6.87 -7.51
C HIS B 201 -12.91 -8.35 -7.52
N ASP B 202 -12.48 -8.85 -8.70
CA ASP B 202 -12.03 -10.26 -8.91
C ASP B 202 -13.15 -11.28 -8.77
N ILE B 203 -14.33 -10.96 -9.27
CA ILE B 203 -15.38 -11.99 -9.36
C ILE B 203 -14.96 -12.77 -10.61
N ASP B 204 -15.09 -14.10 -10.62
CA ASP B 204 -14.74 -14.78 -11.90
C ASP B 204 -15.94 -14.64 -12.81
N HIS B 205 -15.96 -13.59 -13.63
CA HIS B 205 -17.14 -13.31 -14.47
C HIS B 205 -17.47 -14.52 -15.34
N ASN B 206 -16.48 -15.12 -15.99
CA ASN B 206 -16.74 -16.26 -16.89
C ASN B 206 -17.47 -17.35 -16.10
N ALA B 207 -16.98 -17.66 -14.90
CA ALA B 207 -17.63 -18.72 -14.14
C ALA B 207 -19.08 -18.37 -13.81
N LEU B 208 -19.32 -17.14 -13.33
CA LEU B 208 -20.69 -16.76 -13.01
C LEU B 208 -21.59 -16.82 -14.23
N LEU B 209 -21.08 -16.40 -15.37
CA LEU B 209 -21.89 -16.35 -16.57
C LEU B 209 -22.19 -17.73 -17.10
N ASN B 210 -21.18 -18.61 -17.07
CA ASN B 210 -21.41 -19.98 -17.52
C ASN B 210 -22.44 -20.68 -16.63
N LYS B 211 -22.46 -20.37 -15.32
CA LYS B 211 -23.49 -20.90 -14.41
C LYS B 211 -24.87 -20.34 -14.72
N MET B 212 -24.98 -19.03 -14.91
CA MET B 212 -26.26 -18.46 -15.34
C MET B 212 -26.72 -18.98 -16.68
N MET B 213 -25.79 -19.31 -17.58
CA MET B 213 -26.16 -19.74 -18.93
C MET B 213 -26.25 -21.25 -19.07
N GLU B 214 -26.00 -21.98 -17.98
CA GLU B 214 -26.08 -23.43 -17.99
C GLU B 214 -27.51 -23.91 -18.26
N LYS B 215 -27.62 -25.01 -19.03
CA LYS B 215 -28.87 -25.45 -19.58
C LYS B 215 -29.26 -26.79 -18.98
N ASP B 216 -30.50 -26.89 -18.51
CA ASP B 216 -30.98 -28.19 -18.06
C ASP B 216 -31.28 -29.05 -19.28
N PRO B 217 -30.71 -30.25 -19.36
CA PRO B 217 -30.85 -31.04 -20.59
C PRO B 217 -32.29 -31.43 -20.90
N LYS B 218 -33.13 -31.57 -19.88
CA LYS B 218 -34.52 -31.99 -20.14
C LYS B 218 -35.27 -30.93 -20.94
N MET B 219 -34.86 -29.67 -20.81
CA MET B 219 -35.57 -28.60 -21.49
C MET B 219 -35.15 -28.44 -22.95
N LEU B 220 -34.04 -29.04 -23.35
CA LEU B 220 -33.47 -28.83 -24.68
C LEU B 220 -34.27 -29.43 -25.82
N PRO B 221 -34.88 -30.63 -25.70
CA PRO B 221 -35.74 -31.11 -26.80
C PRO B 221 -36.82 -30.10 -27.18
N PHE B 222 -37.41 -29.42 -26.20
CA PHE B 222 -38.41 -28.42 -26.53
C PHE B 222 -37.80 -27.29 -27.37
N GLN B 223 -36.58 -26.87 -27.04
CA GLN B 223 -35.95 -25.79 -27.79
C GLN B 223 -35.84 -26.17 -29.26
N GLY B 224 -35.53 -27.44 -29.55
CA GLY B 224 -35.52 -27.90 -30.91
C GLY B 224 -36.86 -27.79 -31.61
N TYR B 225 -37.97 -28.04 -30.88
CA TYR B 225 -39.27 -27.80 -31.46
C TYR B 225 -39.38 -26.34 -31.92
N VAL B 226 -39.09 -25.41 -31.00
CA VAL B 226 -39.14 -23.99 -31.35
C VAL B 226 -38.31 -23.72 -32.59
N LEU B 227 -37.15 -24.37 -32.67
CA LEU B 227 -36.22 -24.17 -33.78
C LEU B 227 -36.71 -24.80 -35.07
N GLN B 228 -37.71 -25.68 -34.99
CA GLN B 228 -38.27 -26.37 -36.15
C GLN B 228 -39.69 -25.94 -36.47
N HIS B 229 -40.31 -25.09 -35.63
CA HIS B 229 -41.71 -24.70 -35.76
C HIS B 229 -41.89 -23.20 -35.58
N PHE B 230 -40.91 -22.40 -35.94
CA PHE B 230 -41.12 -20.96 -35.98
C PHE B 230 -41.61 -20.61 -37.37
N GLU B 231 -42.49 -19.62 -37.45
CA GLU B 231 -43.09 -19.12 -38.69
C GLU B 231 -42.61 -17.69 -38.90
N LEU B 232 -41.68 -17.53 -39.85
CA LEU B 232 -41.15 -16.23 -40.24
C LEU B 232 -41.80 -15.78 -41.55
N MET B 233 -42.38 -14.59 -41.54
CA MET B 233 -43.04 -14.01 -42.70
C MET B 233 -42.10 -13.06 -43.44
N ASP B 234 -42.54 -12.65 -44.63
CA ASP B 234 -41.70 -11.79 -45.45
C ASP B 234 -41.60 -10.37 -44.87
N ASP B 235 -42.60 -9.91 -44.10
CA ASP B 235 -42.54 -8.57 -43.52
C ASP B 235 -41.66 -8.49 -42.27
N GLY B 236 -40.93 -9.56 -41.94
CA GLY B 236 -40.09 -9.57 -40.76
C GLY B 236 -40.81 -9.95 -39.47
N PHE B 237 -42.10 -10.24 -39.53
CA PHE B 237 -42.79 -10.76 -38.36
C PHE B 237 -42.51 -12.24 -38.17
N CYS B 238 -42.51 -12.68 -36.91
CA CYS B 238 -42.29 -14.10 -36.63
C CYS B 238 -43.13 -14.50 -35.43
N GLN B 239 -43.61 -15.73 -35.44
CA GLN B 239 -44.44 -16.16 -34.33
C GLN B 239 -44.04 -17.58 -33.96
N VAL B 240 -44.16 -17.85 -32.67
CA VAL B 240 -43.97 -19.18 -32.11
C VAL B 240 -45.21 -19.47 -31.29
N LYS B 241 -45.94 -20.53 -31.65
CA LYS B 241 -47.22 -20.86 -31.02
C LYS B 241 -47.07 -22.18 -30.28
N ILE B 242 -47.26 -22.15 -28.96
CA ILE B 242 -46.98 -23.29 -28.11
C ILE B 242 -48.32 -23.73 -27.52
N THR B 243 -48.91 -24.77 -28.10
CA THR B 243 -50.20 -25.27 -27.65
C THR B 243 -50.04 -26.16 -26.41
N GLU B 244 -51.09 -26.22 -25.59
CA GLU B 244 -50.99 -26.98 -24.34
C GLU B 244 -50.66 -28.44 -24.61
N ASP B 245 -50.90 -28.94 -25.83
CA ASP B 245 -50.50 -30.28 -26.24
C ASP B 245 -48.98 -30.39 -26.39
N VAL B 246 -48.38 -29.47 -27.17
CA VAL B 246 -46.93 -29.44 -27.31
C VAL B 246 -46.26 -29.47 -25.94
N LEU B 247 -46.78 -28.67 -25.01
CA LEU B 247 -46.32 -28.65 -23.63
C LEU B 247 -46.29 -30.05 -23.03
N GLU B 248 -47.41 -30.79 -23.19
CA GLU B 248 -47.51 -32.15 -22.67
C GLU B 248 -46.57 -33.10 -23.40
N GLN B 249 -46.47 -32.96 -24.72
CA GLN B 249 -45.59 -33.81 -25.51
C GLN B 249 -44.17 -33.82 -24.94
N PHE B 250 -43.71 -32.66 -24.44
CA PHE B 250 -42.34 -32.50 -23.95
C PHE B 250 -42.26 -32.48 -22.43
N GLY B 251 -43.39 -32.46 -21.73
CA GLY B 251 -43.39 -32.52 -20.28
C GLY B 251 -42.83 -31.25 -19.65
N ILE B 252 -43.34 -30.11 -20.08
CA ILE B 252 -42.79 -28.82 -19.67
C ILE B 252 -43.89 -27.98 -19.04
N GLN B 253 -43.50 -27.13 -18.06
CA GLN B 253 -44.42 -26.17 -17.48
C GLN B 253 -44.42 -24.89 -18.32
N PRO B 254 -45.52 -24.12 -18.29
CA PRO B 254 -45.58 -22.91 -19.14
C PRO B 254 -44.47 -21.93 -18.88
N ASN B 255 -44.11 -21.71 -17.61
CA ASN B 255 -43.04 -20.78 -17.29
C ASN B 255 -41.71 -21.30 -17.83
N GLU B 256 -41.50 -22.61 -17.77
CA GLU B 256 -40.31 -23.21 -18.36
C GLU B 256 -40.24 -22.94 -19.86
N ALA B 257 -41.38 -23.01 -20.55
CA ALA B 257 -41.40 -22.78 -21.98
C ALA B 257 -41.42 -21.30 -22.35
N SER B 258 -41.67 -20.41 -21.38
CA SER B 258 -41.58 -18.98 -21.65
C SER B 258 -40.15 -18.48 -21.69
N GLN B 259 -39.20 -19.29 -21.24
CA GLN B 259 -37.83 -18.82 -21.21
C GLN B 259 -37.20 -18.85 -22.59
N PHE B 260 -37.87 -19.40 -23.59
CA PHE B 260 -37.23 -19.55 -24.90
C PHE B 260 -37.68 -18.47 -25.87
N VAL B 261 -38.28 -17.42 -25.34
CA VAL B 261 -38.72 -16.26 -26.12
C VAL B 261 -37.64 -15.81 -27.10
N ASN B 262 -36.37 -15.80 -26.68
CA ASN B 262 -35.32 -15.29 -27.56
C ASN B 262 -34.54 -16.37 -28.28
N THR B 263 -35.06 -17.60 -28.36
CA THR B 263 -34.31 -18.65 -29.06
C THR B 263 -34.11 -18.32 -30.53
N ILE B 264 -35.07 -17.66 -31.17
CA ILE B 264 -34.94 -17.36 -32.60
C ILE B 264 -34.50 -15.91 -32.85
N ALA B 265 -34.10 -15.18 -31.81
CA ALA B 265 -33.84 -13.74 -31.98
C ALA B 265 -32.78 -13.41 -33.02
N ASP B 266 -31.89 -14.33 -33.39
CA ASP B 266 -30.77 -13.97 -34.25
C ASP B 266 -31.05 -14.18 -35.74
N ILE B 267 -32.27 -14.58 -36.09
CA ILE B 267 -32.66 -14.86 -37.47
C ILE B 267 -32.54 -13.62 -38.33
N LYS B 268 -31.95 -13.79 -39.52
CA LYS B 268 -31.74 -12.71 -40.47
C LYS B 268 -33.09 -12.17 -40.97
N GLY B 269 -33.31 -10.87 -40.79
CA GLY B 269 -34.55 -10.27 -41.20
C GLY B 269 -35.57 -10.13 -40.10
N LEU B 270 -35.39 -10.82 -38.98
CA LEU B 270 -36.32 -10.72 -37.87
C LEU B 270 -36.50 -9.27 -37.42
N LYS B 271 -37.74 -8.84 -37.29
CA LYS B 271 -38.02 -7.49 -36.81
C LYS B 271 -38.86 -7.50 -35.54
N ILE B 272 -40.03 -8.16 -35.57
CA ILE B 272 -40.91 -8.24 -34.43
C ILE B 272 -41.28 -9.71 -34.30
N TRP B 273 -41.50 -10.18 -33.08
CA TRP B 273 -41.91 -11.56 -32.91
C TRP B 273 -42.63 -11.72 -31.59
N VAL B 274 -43.40 -12.80 -31.52
CA VAL B 274 -44.23 -13.07 -30.35
C VAL B 274 -44.12 -14.56 -30.04
N PHE B 275 -44.01 -14.87 -28.74
CA PHE B 275 -43.90 -16.23 -28.23
C PHE B 275 -45.15 -16.52 -27.41
N ALA B 276 -45.99 -17.43 -27.91
CA ALA B 276 -47.33 -17.64 -27.35
C ALA B 276 -47.42 -19.04 -26.74
N VAL B 277 -47.79 -19.08 -25.46
CA VAL B 277 -47.91 -20.37 -24.73
C VAL B 277 -49.28 -20.44 -24.05
N ASP B 278 -50.01 -21.54 -24.24
CA ASP B 278 -51.36 -21.72 -23.64
C ASP B 278 -51.25 -22.29 -22.22
N GLU B 279 -51.57 -21.49 -21.21
CA GLU B 279 -51.56 -21.96 -19.80
C GLU B 279 -52.94 -22.53 -19.46
N GLY B 280 -53.75 -22.84 -20.48
CA GLY B 280 -55.11 -23.39 -20.33
C GLY B 280 -56.15 -22.30 -20.16
N ASN B 281 -56.04 -21.52 -19.08
CA ASN B 281 -56.98 -20.40 -18.84
C ASN B 281 -56.62 -19.22 -19.76
N GLU B 282 -55.39 -18.71 -19.65
CA GLU B 282 -54.95 -17.55 -20.48
C GLU B 282 -53.79 -17.91 -21.39
N ILE B 283 -53.72 -17.32 -22.53
CA ILE B 283 -52.60 -17.53 -23.48
C ILE B 283 -51.58 -16.43 -23.20
N ARG B 284 -50.43 -16.80 -22.66
CA ARG B 284 -49.44 -15.79 -22.28
C ARG B 284 -48.53 -15.54 -23.48
N CYS B 285 -48.42 -14.27 -23.87
CA CYS B 285 -47.64 -13.90 -25.04
C CYS B 285 -46.50 -12.98 -24.63
N ARG B 286 -45.30 -13.30 -25.10
CA ARG B 286 -44.13 -12.45 -24.92
C ARG B 286 -43.87 -11.73 -26.24
N LEU B 287 -43.90 -10.40 -26.18
CA LEU B 287 -43.80 -9.54 -27.35
C LEU B 287 -42.38 -8.96 -27.39
N ARG B 288 -41.75 -9.02 -28.57
CA ARG B 288 -40.38 -8.55 -28.74
C ARG B 288 -40.25 -7.81 -30.08
N SER B 289 -39.31 -6.86 -30.12
CA SER B 289 -39.03 -6.12 -31.35
C SER B 289 -37.56 -5.73 -31.38
N LYS B 290 -37.07 -5.41 -32.58
CA LYS B 290 -35.68 -5.02 -32.83
C LYS B 290 -35.59 -3.50 -33.01
N GLY B 291 -34.54 -2.90 -32.46
CA GLY B 291 -34.21 -1.53 -32.80
C GLY B 291 -35.24 -0.55 -32.28
N GLN B 292 -35.59 0.41 -33.12
CA GLN B 292 -36.53 1.49 -32.77
C GLN B 292 -37.98 1.05 -32.82
N LEU B 293 -38.25 -0.16 -33.33
CA LEU B 293 -39.64 -0.62 -33.47
C LEU B 293 -40.29 -0.71 -32.10
N ILE B 294 -41.55 -0.26 -32.02
CA ILE B 294 -42.30 -0.14 -30.77
C ILE B 294 -43.43 -1.14 -30.77
N ILE B 295 -43.58 -1.90 -29.69
CA ILE B 295 -44.68 -2.85 -29.56
C ILE B 295 -45.39 -2.75 -28.23
N ASN B 296 -44.98 -1.86 -27.34
CA ASN B 296 -45.72 -1.74 -26.07
C ASN B 296 -47.01 -0.93 -26.20
N ASP B 297 -47.23 -0.26 -27.33
CA ASP B 297 -48.50 0.39 -27.57
C ASP B 297 -49.55 -0.61 -28.02
N ILE B 298 -49.19 -1.51 -28.94
CA ILE B 298 -50.06 -2.64 -29.29
C ILE B 298 -50.28 -3.51 -28.07
N ALA B 299 -49.27 -3.61 -27.20
CA ALA B 299 -49.43 -4.35 -25.95
C ALA B 299 -50.58 -3.80 -25.13
N GLN B 300 -50.50 -2.51 -24.78
CA GLN B 300 -51.54 -1.87 -23.96
C GLN B 300 -52.90 -1.90 -24.63
N ASP B 301 -52.94 -1.90 -25.96
CA ASP B 301 -54.21 -2.07 -26.66
C ASP B 301 -54.82 -3.43 -26.40
N PHE B 302 -54.00 -4.42 -26.06
CA PHE B 302 -54.50 -5.76 -25.77
C PHE B 302 -54.46 -6.06 -24.28
N GLY B 303 -54.44 -5.00 -23.45
CA GLY B 303 -54.54 -5.15 -22.03
C GLY B 303 -53.24 -5.27 -21.27
N GLY B 304 -52.13 -5.46 -21.96
CA GLY B 304 -50.84 -5.68 -21.33
C GLY B 304 -49.99 -4.44 -21.28
N GLY B 305 -48.68 -4.65 -21.24
CA GLY B 305 -47.75 -3.53 -21.19
C GLY B 305 -46.33 -4.03 -21.09
N GLY B 306 -45.42 -3.08 -20.95
CA GLY B 306 -44.02 -3.35 -20.73
C GLY B 306 -43.17 -2.35 -21.49
N HIS B 307 -41.95 -2.78 -21.85
CA HIS B 307 -40.96 -1.95 -22.53
C HIS B 307 -41.26 -1.87 -24.04
N PRO B 308 -40.80 -0.81 -24.72
CA PRO B 308 -41.02 -0.72 -26.16
C PRO B 308 -40.57 -1.94 -26.93
N ASN B 309 -39.55 -2.64 -26.45
CA ASN B 309 -38.99 -3.77 -27.18
C ASN B 309 -39.35 -5.12 -26.58
N ALA B 310 -40.06 -5.12 -25.43
CA ALA B 310 -40.27 -6.35 -24.68
C ALA B 310 -41.45 -6.09 -23.74
N SER B 311 -42.59 -6.69 -24.07
CA SER B 311 -43.83 -6.46 -23.34
C SER B 311 -44.51 -7.80 -23.12
N GLY B 312 -45.64 -7.75 -22.43
CA GLY B 312 -46.43 -8.95 -22.17
C GLY B 312 -47.91 -8.66 -22.31
N VAL B 313 -48.64 -9.69 -22.79
CA VAL B 313 -50.06 -9.59 -23.13
C VAL B 313 -50.71 -10.96 -22.95
N SER B 314 -51.80 -11.02 -22.19
CA SER B 314 -52.59 -12.25 -22.08
C SER B 314 -53.78 -12.18 -23.00
N VAL B 315 -54.01 -13.26 -23.74
CA VAL B 315 -55.06 -13.31 -24.73
C VAL B 315 -55.97 -14.48 -24.35
N ASP B 316 -57.21 -14.45 -24.87
CA ASP B 316 -58.20 -15.46 -24.47
C ASP B 316 -58.36 -16.60 -25.48
N SER B 317 -57.86 -16.45 -26.70
CA SER B 317 -58.11 -17.45 -27.72
C SER B 317 -57.02 -17.34 -28.78
N TRP B 318 -56.80 -18.44 -29.50
CA TRP B 318 -55.93 -18.37 -30.67
C TRP B 318 -56.50 -17.45 -31.73
N ASP B 319 -57.82 -17.25 -31.73
CA ASP B 319 -58.44 -16.29 -32.64
C ASP B 319 -58.03 -14.87 -32.27
N GLU B 320 -58.03 -14.55 -30.96
CA GLU B 320 -57.52 -13.27 -30.49
C GLU B 320 -56.03 -13.13 -30.72
N PHE B 321 -55.27 -14.23 -30.66
CA PHE B 321 -53.84 -14.15 -31.01
C PHE B 321 -53.67 -13.63 -32.42
N GLU B 322 -54.48 -14.12 -33.37
CA GLU B 322 -54.34 -13.70 -34.76
C GLU B 322 -54.58 -12.20 -34.91
N GLN B 323 -55.43 -11.65 -34.04
CA GLN B 323 -55.64 -10.20 -34.01
C GLN B 323 -54.40 -9.48 -33.48
N LEU B 324 -53.83 -9.99 -32.37
CA LEU B 324 -52.56 -9.48 -31.86
C LEU B 324 -51.48 -9.48 -32.95
N ALA B 325 -51.36 -10.59 -33.68
CA ALA B 325 -50.38 -10.65 -34.76
C ALA B 325 -50.65 -9.57 -35.81
N THR B 326 -51.87 -9.46 -36.31
CA THR B 326 -52.14 -8.48 -37.41
C THR B 326 -51.70 -7.06 -37.02
N ALA B 327 -51.93 -6.65 -35.77
CA ALA B 327 -51.54 -5.30 -35.30
C ALA B 327 -50.01 -5.22 -35.16
N LEU B 328 -49.46 -6.30 -34.61
CA LEU B 328 -47.99 -6.36 -34.48
C LEU B 328 -47.42 -6.26 -35.89
N ARG B 329 -48.12 -6.79 -36.89
CA ARG B 329 -47.59 -6.78 -38.28
C ARG B 329 -47.71 -5.36 -38.84
N THR B 330 -48.69 -4.58 -38.38
CA THR B 330 -48.84 -3.16 -38.84
C THR B 330 -47.67 -2.31 -38.38
N LYS B 331 -47.02 -2.68 -37.26
CA LYS B 331 -45.92 -1.86 -36.73
C LYS B 331 -44.61 -2.20 -37.44
N LEU B 332 -44.70 -2.74 -38.67
CA LEU B 332 -43.47 -3.16 -39.37
C LEU B 332 -43.06 -2.07 -40.35
N ASN C 14 -0.35 -18.49 30.52
CA ASN C 14 -0.31 -18.34 29.04
C ASN C 14 0.95 -19.00 28.49
N LEU C 15 0.77 -20.01 27.64
CA LEU C 15 1.91 -20.69 26.98
C LEU C 15 2.49 -19.76 25.92
N TYR C 16 1.77 -18.70 25.56
CA TYR C 16 2.24 -17.81 24.46
C TYR C 16 3.22 -16.77 25.01
N PHE C 17 3.45 -16.75 26.33
CA PHE C 17 4.47 -15.85 26.89
C PHE C 17 5.62 -16.68 27.48
N GLN C 18 5.69 -17.95 27.10
CA GLN C 18 6.80 -18.81 27.55
C GLN C 18 8.13 -18.20 27.10
N GLY C 19 8.16 -17.56 25.92
CA GLY C 19 9.43 -17.02 25.39
C GLY C 19 9.80 -17.71 24.10
N HIS C 20 9.78 -19.04 24.08
CA HIS C 20 10.01 -19.76 22.80
C HIS C 20 8.79 -19.51 21.90
N MET C 21 7.63 -19.31 22.50
CA MET C 21 6.44 -18.98 21.69
C MET C 21 6.56 -17.53 21.23
N ILE C 22 6.89 -16.61 22.14
CA ILE C 22 7.06 -15.19 21.76
C ILE C 22 7.98 -15.13 20.54
N SER C 23 9.15 -15.78 20.62
CA SER C 23 10.12 -15.78 19.51
C SER C 23 9.45 -16.28 18.24
N THR C 24 8.72 -17.40 18.34
CA THR C 24 8.10 -18.04 17.14
C THR C 24 6.98 -17.13 16.59
N LEU C 25 6.13 -16.59 17.46
CA LEU C 25 5.03 -15.75 16.98
C LEU C 25 5.58 -14.50 16.30
N ASN C 26 6.56 -13.86 16.93
CA ASN C 26 7.18 -12.68 16.32
C ASN C 26 7.78 -13.01 14.96
N GLU C 27 8.28 -14.24 14.80
CA GLU C 27 8.90 -14.63 13.53
C GLU C 27 7.86 -14.85 12.45
N ILE C 28 6.70 -15.42 12.81
CA ILE C 28 5.62 -15.58 11.83
C ILE C 28 5.13 -14.22 11.36
N MET C 29 4.93 -13.30 12.31
CA MET C 29 4.43 -11.99 11.94
C MET C 29 5.44 -11.26 11.06
N LYS C 30 6.72 -11.35 11.39
CA LYS C 30 7.77 -10.76 10.55
C LYS C 30 7.68 -11.27 9.12
N CYS C 31 7.47 -12.58 8.95
CA CYS C 31 7.39 -13.16 7.60
C CYS C 31 6.16 -12.68 6.88
N ILE C 32 5.02 -12.62 7.57
CA ILE C 32 3.82 -12.07 6.95
C ILE C 32 4.08 -10.65 6.50
N GLU C 33 4.68 -9.84 7.39
CA GLU C 33 4.96 -8.45 7.08
C GLU C 33 5.85 -8.32 5.85
N ASP C 34 6.82 -9.22 5.68
CA ASP C 34 7.81 -9.09 4.62
C ASP C 34 7.34 -9.62 3.27
N ASN C 35 6.25 -10.38 3.22
CA ASN C 35 5.79 -10.99 1.98
C ASN C 35 4.49 -10.36 1.52
N ASP C 36 4.36 -10.17 0.20
CA ASP C 36 3.16 -9.55 -0.34
C ASP C 36 2.13 -10.56 -0.80
N THR C 37 2.51 -11.83 -0.96
CA THR C 37 1.59 -12.91 -1.29
C THR C 37 1.70 -14.01 -0.24
N ILE C 38 0.58 -14.36 0.37
CA ILE C 38 0.53 -15.41 1.38
C ILE C 38 -0.54 -16.41 0.97
N ILE C 39 -0.17 -17.70 0.93
CA ILE C 39 -1.02 -18.79 0.47
C ILE C 39 -1.15 -19.78 1.61
N ILE C 40 -2.40 -20.17 1.94
CA ILE C 40 -2.69 -20.97 3.12
C ILE C 40 -3.30 -22.31 2.72
N HIS C 41 -2.74 -23.35 3.32
CA HIS C 41 -3.20 -24.73 3.03
C HIS C 41 -3.67 -25.40 4.32
N ARG C 42 -4.49 -26.44 4.20
CA ARG C 42 -4.92 -27.25 5.36
C ARG C 42 -4.75 -28.72 5.00
N HIS C 43 -5.34 -29.64 5.77
CA HIS C 43 -5.09 -31.07 5.52
C HIS C 43 -6.05 -31.66 4.51
N VAL C 44 -5.61 -32.71 3.80
CA VAL C 44 -6.54 -33.41 2.92
C VAL C 44 -7.67 -34.00 3.77
N ARG C 45 -8.86 -34.15 3.13
CA ARG C 45 -10.13 -34.53 3.78
C ARG C 45 -10.38 -33.55 4.91
N PRO C 46 -10.80 -32.33 4.56
CA PRO C 46 -10.89 -31.24 5.57
C PRO C 46 -12.00 -31.50 6.59
N ASP C 47 -11.69 -31.09 7.82
CA ASP C 47 -12.66 -31.09 8.93
C ASP C 47 -12.96 -29.62 9.20
N PRO C 48 -14.04 -29.28 9.91
CA PRO C 48 -14.39 -27.86 10.17
C PRO C 48 -13.23 -27.02 10.66
N ASP C 49 -12.36 -27.61 11.47
CA ASP C 49 -11.25 -26.88 12.04
C ASP C 49 -10.25 -26.51 10.94
N ALA C 50 -10.11 -27.40 9.96
CA ALA C 50 -9.23 -27.11 8.83
C ALA C 50 -9.76 -25.94 8.02
N TYR C 51 -11.07 -25.92 7.74
CA TYR C 51 -11.68 -24.78 7.06
C TYR C 51 -11.59 -23.53 7.92
N GLY C 52 -11.96 -23.67 9.20
CA GLY C 52 -12.00 -22.51 10.07
C GLY C 52 -10.63 -21.89 10.29
N SER C 53 -9.59 -22.73 10.49
CA SER C 53 -8.27 -22.17 10.81
C SER C 53 -7.67 -21.52 9.56
N GLN C 54 -7.83 -22.15 8.41
CA GLN C 54 -7.33 -21.60 7.16
C GLN C 54 -8.02 -20.28 6.82
N LEU C 55 -9.34 -20.32 6.70
CA LEU C 55 -10.06 -19.11 6.32
C LEU C 55 -9.94 -18.04 7.39
N GLY C 56 -9.91 -18.44 8.67
CA GLY C 56 -9.74 -17.46 9.73
C GLY C 56 -8.45 -16.69 9.62
N LEU C 57 -7.34 -17.41 9.42
CA LEU C 57 -6.04 -16.77 9.20
C LEU C 57 -6.06 -15.91 7.96
N LYS C 58 -6.59 -16.44 6.86
CA LYS C 58 -6.70 -15.65 5.63
C LYS C 58 -7.33 -14.30 5.90
N TYR C 59 -8.57 -14.31 6.42
CA TYR C 59 -9.33 -13.09 6.65
C TYR C 59 -8.61 -12.14 7.60
N TYR C 60 -7.99 -12.69 8.65
CA TYR C 60 -7.19 -11.89 9.57
C TYR C 60 -6.10 -11.12 8.85
N ILE C 61 -5.34 -11.81 7.99
CA ILE C 61 -4.27 -11.15 7.27
C ILE C 61 -4.82 -10.11 6.30
N GLN C 62 -5.90 -10.47 5.59
CA GLN C 62 -6.52 -9.53 4.67
C GLN C 62 -7.03 -8.29 5.39
N GLN C 63 -7.40 -8.43 6.66
CA GLN C 63 -7.87 -7.29 7.43
C GLN C 63 -6.71 -6.45 7.96
N LYS C 64 -5.65 -7.10 8.43
CA LYS C 64 -4.50 -6.38 8.97
C LYS C 64 -3.70 -5.71 7.86
N PHE C 65 -3.64 -6.34 6.68
CA PHE C 65 -2.81 -5.89 5.57
C PHE C 65 -3.61 -5.98 4.28
N PRO C 66 -4.50 -5.01 4.02
CA PRO C 66 -5.32 -5.07 2.80
C PRO C 66 -4.52 -5.03 1.52
N GLN C 67 -3.23 -4.69 1.60
CA GLN C 67 -2.40 -4.59 0.41
C GLN C 67 -1.91 -5.95 -0.05
N LYS C 68 -1.82 -6.91 0.86
CA LYS C 68 -1.27 -8.21 0.57
C LYS C 68 -2.32 -9.08 -0.10
N GLN C 69 -1.87 -9.95 -0.99
CA GLN C 69 -2.73 -10.93 -1.65
C GLN C 69 -2.64 -12.22 -0.84
N VAL C 70 -3.76 -12.60 -0.22
CA VAL C 70 -3.83 -13.80 0.62
C VAL C 70 -4.82 -14.77 -0.01
N PHE C 71 -4.43 -16.04 -0.10
CA PHE C 71 -5.22 -17.05 -0.77
C PHE C 71 -5.38 -18.28 0.13
N ALA C 72 -6.51 -18.97 -0.03
CA ALA C 72 -6.79 -20.21 0.69
C ALA C 72 -7.10 -21.29 -0.35
N VAL C 73 -6.23 -22.29 -0.43
CA VAL C 73 -6.24 -23.25 -1.53
C VAL C 73 -6.62 -24.64 -1.01
N GLY C 74 -6.91 -25.52 -1.95
CA GLY C 74 -7.30 -26.89 -1.65
C GLY C 74 -8.59 -27.28 -2.35
N GLU C 75 -8.86 -28.60 -2.30
CA GLU C 75 -10.07 -29.15 -2.90
C GLU C 75 -11.26 -28.96 -1.96
N ALA C 76 -12.35 -28.43 -2.50
CA ALA C 76 -13.49 -28.05 -1.69
C ALA C 76 -14.31 -29.28 -1.26
N GLU C 77 -14.80 -29.25 -0.01
CA GLU C 77 -15.69 -30.27 0.50
C GLU C 77 -17.10 -29.71 0.51
N SER C 78 -17.99 -30.36 -0.24
CA SER C 78 -19.37 -29.91 -0.35
C SER C 78 -20.02 -29.81 1.03
N SER C 79 -19.65 -30.70 1.94
CA SER C 79 -20.20 -30.65 3.28
C SER C 79 -19.85 -29.36 4.02
N LEU C 80 -18.75 -28.71 3.65
CA LEU C 80 -18.22 -27.58 4.40
C LEU C 80 -18.15 -26.33 3.54
N SER C 81 -18.87 -26.30 2.42
CA SER C 81 -18.79 -25.16 1.50
C SER C 81 -19.42 -23.89 2.08
N PHE C 82 -20.33 -24.03 3.04
CA PHE C 82 -20.98 -22.89 3.67
C PHE C 82 -19.99 -22.04 4.46
N ILE C 83 -18.91 -22.65 4.96
CA ILE C 83 -17.94 -21.90 5.76
C ILE C 83 -17.29 -20.81 4.92
N GLY C 84 -16.86 -21.15 3.71
CA GLY C 84 -16.28 -20.16 2.80
C GLY C 84 -15.77 -20.76 1.49
N GLU C 85 -15.61 -19.91 0.47
CA GLU C 85 -15.09 -20.35 -0.82
C GLU C 85 -13.57 -20.38 -0.81
N LEU C 86 -13.01 -21.33 -1.53
CA LEU C 86 -11.57 -21.48 -1.66
C LEU C 86 -11.11 -20.85 -2.99
N ASP C 87 -9.81 -20.64 -3.10
CA ASP C 87 -9.24 -19.88 -4.22
C ASP C 87 -8.44 -20.80 -5.13
N ASN C 88 -8.67 -20.68 -6.45
CA ASN C 88 -7.85 -21.37 -7.45
C ASN C 88 -6.85 -20.38 -8.01
N ILE C 89 -5.56 -20.66 -7.78
CA ILE C 89 -4.48 -19.77 -8.18
C ILE C 89 -3.52 -20.52 -9.10
N ASP C 90 -2.82 -19.75 -9.94
CA ASP C 90 -1.82 -20.33 -10.82
C ASP C 90 -0.59 -20.72 -10.02
N ASP C 91 0.22 -21.61 -10.61
CA ASP C 91 1.44 -22.02 -9.94
C ASP C 91 2.40 -20.85 -9.78
N LYS C 92 2.38 -19.89 -10.71
CA LYS C 92 3.27 -18.73 -10.62
C LYS C 92 3.03 -17.89 -9.39
N THR C 93 1.83 -18.01 -8.80
CA THR C 93 1.50 -17.21 -7.62
C THR C 93 2.33 -17.61 -6.40
N TYR C 94 3.04 -18.73 -6.46
CA TYR C 94 3.86 -19.20 -5.35
C TYR C 94 5.26 -18.63 -5.34
N GLN C 95 5.64 -17.85 -6.36
CA GLN C 95 7.03 -17.38 -6.45
C GLN C 95 7.34 -16.37 -5.36
N ASP C 96 8.37 -16.66 -4.56
CA ASP C 96 8.78 -15.79 -3.43
C ASP C 96 7.60 -15.50 -2.49
N ALA C 97 6.81 -16.54 -2.22
CA ALA C 97 5.60 -16.40 -1.42
C ALA C 97 5.79 -17.05 -0.05
N LEU C 98 5.01 -16.56 0.91
CA LEU C 98 4.93 -17.18 2.23
C LEU C 98 3.80 -18.18 2.17
N VAL C 99 4.11 -19.44 2.42
CA VAL C 99 3.10 -20.49 2.48
C VAL C 99 2.94 -20.87 3.93
N ILE C 100 1.68 -20.88 4.39
CA ILE C 100 1.33 -21.31 5.72
C ILE C 100 0.43 -22.53 5.61
N VAL C 101 0.67 -23.50 6.47
CA VAL C 101 -0.14 -24.71 6.50
C VAL C 101 -0.75 -24.81 7.88
N CYS C 102 -2.08 -24.91 7.92
CA CYS C 102 -2.81 -25.03 9.17
C CYS C 102 -3.18 -26.48 9.39
N ASP C 103 -3.23 -26.88 10.67
CA ASP C 103 -4.02 -28.06 11.04
C ASP C 103 -3.52 -29.35 10.45
N THR C 104 -2.25 -29.41 10.02
CA THR C 104 -1.74 -30.59 9.33
C THR C 104 -0.49 -31.12 10.02
N ALA C 105 -0.64 -32.25 10.71
CA ALA C 105 0.45 -32.82 11.48
C ALA C 105 1.53 -33.46 10.62
N ASN C 106 1.17 -33.90 9.41
CA ASN C 106 2.16 -34.61 8.54
C ASN C 106 2.17 -33.99 7.14
N ALA C 107 3.35 -33.71 6.61
CA ALA C 107 3.49 -33.08 5.27
C ALA C 107 2.68 -33.81 4.21
N PRO C 108 2.74 -35.15 4.08
CA PRO C 108 2.01 -35.85 3.02
C PRO C 108 0.51 -35.54 3.03
N ARG C 109 -0.02 -35.15 4.19
CA ARG C 109 -1.49 -34.93 4.32
C ARG C 109 -1.86 -33.50 3.90
N ILE C 110 -0.87 -32.67 3.56
CA ILE C 110 -1.18 -31.28 3.10
C ILE C 110 -1.91 -31.37 1.75
N ASP C 111 -3.07 -30.71 1.63
CA ASP C 111 -3.77 -30.68 0.32
C ASP C 111 -2.96 -29.82 -0.65
N ASP C 112 -3.33 -29.75 -1.94
CA ASP C 112 -2.69 -28.86 -2.96
C ASP C 112 -1.25 -29.24 -3.30
N GLU C 113 -0.36 -29.45 -2.35
CA GLU C 113 1.02 -29.98 -2.61
C GLU C 113 1.97 -28.95 -3.25
N ARG C 114 1.48 -27.80 -3.67
CA ARG C 114 2.42 -26.74 -4.16
C ARG C 114 2.97 -26.01 -2.92
N TYR C 115 2.69 -26.53 -1.72
CA TYR C 115 3.14 -25.90 -0.46
C TYR C 115 4.66 -25.71 -0.45
N SER C 116 5.39 -26.53 -1.19
CA SER C 116 6.84 -26.45 -1.12
C SER C 116 7.44 -25.53 -2.18
N THR C 117 6.63 -24.96 -3.08
CA THR C 117 7.07 -24.08 -4.17
C THR C 117 7.20 -22.62 -3.74
N GLY C 118 7.50 -22.36 -2.46
CA GLY C 118 7.51 -21.02 -1.93
C GLY C 118 8.82 -20.68 -1.26
N ARG C 119 8.98 -19.40 -0.98
CA ARG C 119 10.23 -18.89 -0.41
C ARG C 119 10.35 -19.22 1.07
N LYS C 120 9.23 -19.46 1.75
CA LYS C 120 9.20 -19.77 3.17
C LYS C 120 7.89 -20.50 3.48
N LEU C 121 7.96 -21.44 4.43
CA LEU C 121 6.89 -22.38 4.78
C LEU C 121 6.64 -22.37 6.28
N ILE C 122 5.43 -22.05 6.69
CA ILE C 122 5.10 -21.94 8.10
C ILE C 122 4.10 -23.03 8.45
N LYS C 123 4.33 -23.70 9.57
CA LYS C 123 3.44 -24.73 10.07
C LYS C 123 2.78 -24.25 11.36
N ILE C 124 1.45 -24.36 11.42
CA ILE C 124 0.68 -23.96 12.60
C ILE C 124 -0.29 -25.10 12.90
N ASP C 125 -0.23 -25.64 14.11
CA ASP C 125 -1.00 -26.89 14.38
C ASP C 125 -1.18 -27.15 15.87
N HIS C 126 -2.16 -28.00 16.21
CA HIS C 126 -2.38 -28.43 17.60
C HIS C 126 -2.16 -29.92 17.85
N HIS C 127 -1.88 -30.72 16.82
CA HIS C 127 -1.61 -32.15 16.91
C HIS C 127 -0.16 -32.39 17.35
N PRO C 128 0.15 -33.57 17.90
CA PRO C 128 1.50 -33.84 18.40
C PRO C 128 2.55 -33.56 17.33
N ALA C 129 3.64 -32.91 17.77
CA ALA C 129 4.73 -32.52 16.89
C ALA C 129 5.56 -33.75 16.56
N VAL C 130 5.44 -34.24 15.32
CA VAL C 130 6.11 -35.46 14.87
C VAL C 130 6.80 -35.17 13.53
N ASP C 131 6.27 -34.21 12.78
CA ASP C 131 6.78 -33.83 11.46
C ASP C 131 6.87 -32.30 11.47
N GLN C 132 8.04 -31.76 11.82
CA GLN C 132 8.24 -30.31 11.90
C GLN C 132 8.71 -29.84 10.53
N TYR C 133 7.80 -29.94 9.56
CA TYR C 133 8.17 -29.71 8.17
C TYR C 133 8.33 -28.24 7.79
N GLY C 134 8.18 -27.28 8.72
CA GLY C 134 8.20 -25.87 8.36
C GLY C 134 9.53 -25.22 8.69
N ASP C 135 9.91 -24.21 7.90
CA ASP C 135 10.99 -23.34 8.32
C ASP C 135 10.67 -22.75 9.70
N ILE C 136 9.38 -22.46 9.96
CA ILE C 136 8.87 -22.07 11.27
C ILE C 136 7.70 -23.00 11.61
N ASN C 137 7.73 -23.57 12.83
CA ASN C 137 6.74 -24.56 13.29
C ASN C 137 6.09 -24.09 14.59
N LEU C 138 4.80 -23.81 14.53
CA LEU C 138 4.05 -23.40 15.71
C LEU C 138 3.13 -24.55 16.10
N VAL C 139 3.29 -25.05 17.32
CA VAL C 139 2.54 -26.22 17.77
C VAL C 139 2.16 -25.98 19.22
N ASN C 140 0.88 -26.14 19.51
CA ASN C 140 0.35 -26.01 20.87
C ASN C 140 -0.65 -27.13 21.02
N THR C 141 -0.21 -28.23 21.64
CA THR C 141 -1.08 -29.38 21.90
C THR C 141 -2.02 -29.14 23.06
N ASN C 142 -1.83 -28.06 23.81
CA ASN C 142 -2.74 -27.69 24.87
C ASN C 142 -3.90 -26.86 24.37
N ALA C 143 -3.98 -26.62 23.06
CA ALA C 143 -5.14 -25.93 22.52
C ALA C 143 -6.21 -26.93 22.12
N SER C 144 -7.44 -26.42 22.02
CA SER C 144 -8.55 -27.27 21.61
C SER C 144 -8.49 -27.60 20.13
N SER C 145 -7.84 -26.75 19.33
CA SER C 145 -8.04 -26.82 17.90
C SER C 145 -7.06 -25.83 17.30
N THR C 146 -6.83 -25.95 16.01
CA THR C 146 -6.00 -24.94 15.35
C THR C 146 -6.71 -23.60 15.28
N SER C 147 -8.04 -23.62 15.12
CA SER C 147 -8.79 -22.38 15.10
C SER C 147 -8.59 -21.60 16.38
N GLU C 148 -8.46 -22.30 17.50
CA GLU C 148 -8.17 -21.65 18.76
C GLU C 148 -6.78 -21.00 18.73
N ILE C 149 -5.78 -21.70 18.20
CA ILE C 149 -4.44 -21.11 18.04
C ILE C 149 -4.48 -19.83 17.21
N ILE C 150 -5.20 -19.86 16.08
CA ILE C 150 -5.31 -18.66 15.24
C ILE C 150 -5.86 -17.50 16.06
N TYR C 151 -6.85 -17.76 16.93
CA TYR C 151 -7.36 -16.68 17.79
C TYR C 151 -6.31 -16.25 18.80
N ASP C 152 -5.59 -17.22 19.39
CA ASP C 152 -4.50 -16.87 20.32
C ASP C 152 -3.48 -15.96 19.66
N LEU C 153 -3.23 -16.16 18.36
CA LEU C 153 -2.29 -15.32 17.63
C LEU C 153 -2.80 -13.90 17.48
N ILE C 154 -4.08 -13.77 17.10
CA ILE C 154 -4.71 -12.46 17.00
C ILE C 154 -4.60 -11.72 18.33
N SER C 155 -4.88 -12.40 19.43
CA SER C 155 -4.85 -11.77 20.75
C SER C 155 -3.43 -11.44 21.20
N HIS C 156 -2.46 -12.23 20.75
CA HIS C 156 -1.06 -11.96 21.07
C HIS C 156 -0.59 -10.64 20.48
N PHE C 157 -1.06 -10.32 19.27
CA PHE C 157 -0.71 -9.09 18.59
C PHE C 157 -1.74 -7.99 18.81
N ASN C 158 -2.58 -8.14 19.83
CA ASN C 158 -3.56 -7.14 20.26
C ASN C 158 -4.44 -6.66 19.11
N ASP C 159 -4.91 -7.63 18.33
CA ASP C 159 -5.75 -7.34 17.18
C ASP C 159 -7.16 -7.88 17.37
N GLU C 160 -7.59 -8.08 18.61
CA GLU C 160 -8.94 -8.60 18.87
C GLU C 160 -10.02 -7.72 18.27
N ALA C 161 -9.74 -6.42 18.07
CA ALA C 161 -10.71 -5.48 17.53
C ALA C 161 -10.89 -5.59 16.02
N ILE C 162 -9.91 -6.14 15.29
CA ILE C 162 -10.12 -6.31 13.85
C ILE C 162 -10.92 -7.56 13.52
N VAL C 163 -11.17 -8.42 14.49
CA VAL C 163 -12.06 -9.56 14.27
C VAL C 163 -13.40 -9.04 13.80
N ASN C 164 -13.84 -9.47 12.61
CA ASN C 164 -15.16 -9.14 12.09
C ASN C 164 -16.06 -10.38 12.11
N LYS C 165 -17.25 -10.25 11.53
CA LYS C 165 -18.19 -11.37 11.52
C LYS C 165 -17.60 -12.58 10.79
N ASP C 166 -16.89 -12.34 9.68
CA ASP C 166 -16.35 -13.44 8.89
C ASP C 166 -15.27 -14.19 9.64
N ILE C 167 -14.32 -13.48 10.23
CA ILE C 167 -13.31 -14.16 11.05
C ILE C 167 -13.97 -14.93 12.18
N ALA C 168 -14.82 -14.27 12.96
CA ALA C 168 -15.45 -14.93 14.11
C ALA C 168 -16.25 -16.14 13.69
N SER C 169 -16.88 -16.09 12.51
CA SER C 169 -17.77 -17.19 12.13
C SER C 169 -16.98 -18.45 11.81
N VAL C 170 -15.87 -18.31 11.06
CA VAL C 170 -15.14 -19.50 10.63
C VAL C 170 -14.34 -20.09 11.79
N LEU C 171 -13.73 -19.22 12.59
CA LEU C 171 -13.02 -19.69 13.78
C LEU C 171 -14.00 -20.36 14.75
N TYR C 172 -15.18 -19.77 14.97
CA TYR C 172 -16.17 -20.41 15.85
C TYR C 172 -16.49 -21.81 15.38
N LEU C 173 -16.71 -21.98 14.08
CA LEU C 173 -17.09 -23.30 13.59
C LEU C 173 -15.93 -24.30 13.70
N GLY C 174 -14.68 -23.83 13.63
CA GLY C 174 -13.56 -24.74 13.76
C GLY C 174 -13.42 -25.26 15.17
N ILE C 175 -13.59 -24.37 16.14
CA ILE C 175 -13.60 -24.73 17.56
C ILE C 175 -14.75 -25.66 17.89
N VAL C 176 -15.95 -25.32 17.42
CA VAL C 176 -17.05 -26.28 17.57
C VAL C 176 -16.70 -27.62 16.93
N GLY C 177 -16.10 -27.59 15.73
CA GLY C 177 -15.83 -28.82 15.01
C GLY C 177 -14.94 -29.76 15.78
N ASP C 178 -13.84 -29.26 16.32
CA ASP C 178 -12.91 -30.14 17.00
C ASP C 178 -13.22 -30.38 18.46
N THR C 179 -14.13 -29.65 19.08
CA THR C 179 -14.46 -29.95 20.46
C THR C 179 -15.76 -30.73 20.60
N GLY C 180 -16.39 -31.10 19.49
CA GLY C 180 -17.76 -31.61 19.54
C GLY C 180 -18.74 -30.65 20.16
N ARG C 181 -18.65 -29.35 19.82
CA ARG C 181 -19.49 -28.30 20.44
C ARG C 181 -19.32 -28.27 21.96
N PHE C 182 -18.04 -28.08 22.37
CA PHE C 182 -17.68 -27.90 23.77
C PHE C 182 -18.01 -29.14 24.60
N LEU C 183 -18.08 -30.30 23.95
CA LEU C 183 -18.24 -31.59 24.64
C LEU C 183 -16.93 -32.20 25.11
N PHE C 184 -15.97 -32.39 24.20
CA PHE C 184 -14.82 -33.25 24.49
C PHE C 184 -13.87 -32.64 25.52
N ASN C 185 -12.93 -33.47 25.98
CA ASN C 185 -12.02 -33.02 27.03
C ASN C 185 -11.02 -31.97 26.61
N ASN C 186 -10.82 -31.73 25.31
CA ASN C 186 -9.96 -30.65 24.83
C ASN C 186 -10.61 -29.27 25.00
N THR C 187 -11.82 -29.18 25.57
CA THR C 187 -12.50 -27.92 25.80
C THR C 187 -12.02 -27.37 27.14
N SER C 188 -11.42 -26.19 27.10
CA SER C 188 -10.94 -25.55 28.31
C SER C 188 -11.75 -24.30 28.61
N GLU C 189 -11.58 -23.78 29.83
CA GLU C 189 -12.14 -22.46 30.14
C GLU C 189 -11.71 -21.44 29.08
N HIS C 190 -10.45 -21.49 28.65
CA HIS C 190 -9.99 -20.58 27.59
C HIS C 190 -10.78 -20.78 26.32
N THR C 191 -11.04 -22.03 25.94
CA THR C 191 -11.81 -22.30 24.73
C THR C 191 -13.17 -21.65 24.79
N MET C 192 -13.83 -21.79 25.94
CA MET C 192 -15.18 -21.25 26.12
C MET C 192 -15.14 -19.73 26.12
N GLU C 193 -14.08 -19.15 26.69
CA GLU C 193 -14.00 -17.69 26.73
C GLU C 193 -13.89 -17.14 25.33
N ILE C 194 -13.09 -17.80 24.48
CA ILE C 194 -12.92 -17.38 23.09
C ILE C 194 -14.23 -17.53 22.33
N ALA C 195 -14.87 -18.69 22.46
CA ALA C 195 -16.10 -18.89 21.72
C ALA C 195 -17.12 -17.84 22.13
N GLY C 196 -17.16 -17.47 23.41
CA GLY C 196 -18.03 -16.39 23.84
C GLY C 196 -17.69 -15.07 23.18
N LYS C 197 -16.38 -14.75 23.09
CA LYS C 197 -15.99 -13.54 22.40
C LYS C 197 -16.42 -13.61 20.94
N LEU C 198 -16.39 -14.81 20.35
CA LEU C 198 -16.76 -14.93 18.95
C LEU C 198 -18.26 -14.75 18.76
N ILE C 199 -19.06 -15.28 19.68
CA ILE C 199 -20.51 -15.10 19.59
C ILE C 199 -20.89 -13.64 19.70
N GLY C 200 -20.12 -12.86 20.45
CA GLY C 200 -20.37 -11.45 20.65
C GLY C 200 -20.20 -10.60 19.41
N HIS C 201 -19.67 -11.17 18.33
CA HIS C 201 -19.60 -10.49 17.05
C HIS C 201 -20.88 -10.67 16.25
N ASP C 202 -21.96 -11.04 16.94
CA ASP C 202 -23.29 -11.18 16.35
C ASP C 202 -23.21 -12.04 15.09
N ILE C 203 -22.61 -13.16 15.22
CA ILE C 203 -22.76 -14.18 14.22
C ILE C 203 -24.00 -14.95 14.64
N ASP C 204 -24.80 -15.39 13.70
CA ASP C 204 -25.91 -16.22 14.16
C ASP C 204 -25.40 -17.63 14.35
N HIS C 205 -24.94 -17.93 15.57
CA HIS C 205 -24.28 -19.22 15.80
C HIS C 205 -25.25 -20.39 15.61
N ASN C 206 -26.53 -20.19 15.90
CA ASN C 206 -27.45 -21.32 15.74
C ASN C 206 -27.60 -21.67 14.27
N ALA C 207 -27.81 -20.66 13.43
CA ALA C 207 -27.98 -20.89 12.01
C ALA C 207 -26.74 -21.50 11.41
N LEU C 208 -25.56 -21.10 11.90
CA LEU C 208 -24.32 -21.74 11.46
C LEU C 208 -24.27 -23.20 11.91
N LEU C 209 -24.62 -23.48 13.16
CA LEU C 209 -24.54 -24.84 13.66
C LEU C 209 -25.55 -25.74 12.96
N ASN C 210 -26.77 -25.25 12.75
CA ASN C 210 -27.77 -25.97 11.98
C ASN C 210 -27.26 -26.30 10.59
N LYS C 211 -26.57 -25.37 9.94
CA LYS C 211 -26.09 -25.69 8.60
C LYS C 211 -24.99 -26.76 8.64
N MET C 212 -24.16 -26.79 9.68
CA MET C 212 -23.09 -27.78 9.78
C MET C 212 -23.57 -29.18 10.14
N MET C 213 -24.64 -29.28 10.95
CA MET C 213 -25.18 -30.54 11.47
C MET C 213 -26.28 -31.14 10.58
N GLU C 214 -26.76 -30.38 9.58
CA GLU C 214 -27.74 -30.87 8.63
C GLU C 214 -27.44 -32.30 8.21
N LYS C 215 -28.49 -33.13 8.14
CA LYS C 215 -28.37 -34.56 7.83
C LYS C 215 -29.37 -34.96 6.75
N ASP C 216 -28.95 -35.88 5.91
CA ASP C 216 -29.79 -36.39 4.84
C ASP C 216 -30.80 -37.39 5.42
N PRO C 217 -32.10 -37.20 5.18
CA PRO C 217 -33.09 -38.07 5.85
C PRO C 217 -33.16 -39.46 5.27
N LYS C 218 -32.51 -39.72 4.12
CA LYS C 218 -32.57 -41.02 3.47
C LYS C 218 -31.86 -42.10 4.26
N MET C 219 -30.89 -41.71 5.08
CA MET C 219 -30.10 -42.66 5.84
C MET C 219 -30.70 -42.98 7.19
N LEU C 220 -31.71 -42.25 7.62
CA LEU C 220 -32.25 -42.38 8.97
C LEU C 220 -32.99 -43.71 9.18
N PRO C 221 -33.69 -44.24 8.17
CA PRO C 221 -34.32 -45.55 8.35
C PRO C 221 -33.38 -46.66 8.78
N PHE C 222 -32.17 -46.73 8.20
CA PHE C 222 -31.23 -47.77 8.59
C PHE C 222 -30.73 -47.56 10.01
N GLN C 223 -30.58 -46.30 10.43
CA GLN C 223 -30.16 -46.04 11.80
C GLN C 223 -31.20 -46.53 12.77
N GLY C 224 -32.47 -46.46 12.36
CA GLY C 224 -33.54 -47.02 13.17
C GLY C 224 -33.46 -48.53 13.24
N TYR C 225 -33.04 -49.17 12.15
CA TYR C 225 -32.80 -50.62 12.20
C TYR C 225 -31.74 -50.95 13.23
N VAL C 226 -30.56 -50.30 13.13
CA VAL C 226 -29.48 -50.49 14.08
C VAL C 226 -29.98 -50.33 15.51
N LEU C 227 -30.81 -49.31 15.74
CA LEU C 227 -31.30 -49.08 17.10
C LEU C 227 -32.30 -50.15 17.54
N GLN C 228 -32.84 -50.92 16.61
CA GLN C 228 -33.85 -51.93 16.96
C GLN C 228 -33.30 -53.35 16.95
N HIS C 229 -32.05 -53.53 16.49
CA HIS C 229 -31.48 -54.85 16.26
C HIS C 229 -30.07 -54.94 16.84
N PHE C 230 -29.71 -54.03 17.75
CA PHE C 230 -28.49 -54.18 18.52
C PHE C 230 -28.75 -55.16 19.67
N GLU C 231 -27.71 -55.90 20.05
CA GLU C 231 -27.81 -56.93 21.10
C GLU C 231 -26.78 -56.65 22.20
N LEU C 232 -27.25 -56.06 23.29
CA LEU C 232 -26.40 -55.75 24.44
C LEU C 232 -26.38 -56.92 25.39
N MET C 233 -25.21 -57.24 25.92
CA MET C 233 -25.14 -58.31 26.90
C MET C 233 -24.88 -57.71 28.28
N ASP C 234 -25.19 -58.51 29.29
CA ASP C 234 -24.95 -58.07 30.66
C ASP C 234 -23.48 -57.85 30.96
N ASP C 235 -22.57 -58.32 30.13
CA ASP C 235 -21.15 -58.10 30.37
C ASP C 235 -20.62 -56.80 29.79
N GLY C 236 -21.48 -56.03 29.11
CA GLY C 236 -21.07 -54.80 28.45
C GLY C 236 -20.70 -54.97 27.00
N PHE C 237 -20.85 -56.17 26.44
CA PHE C 237 -20.57 -56.40 25.03
C PHE C 237 -21.82 -56.11 24.21
N CYS C 238 -21.62 -55.65 22.98
CA CYS C 238 -22.77 -55.33 22.16
C CYS C 238 -22.37 -55.60 20.72
N GLN C 239 -23.33 -56.03 19.93
CA GLN C 239 -23.05 -56.37 18.54
C GLN C 239 -24.22 -55.96 17.70
N VAL C 240 -23.90 -55.52 16.48
CA VAL C 240 -24.88 -55.21 15.45
C VAL C 240 -24.45 -55.99 14.23
N LYS C 241 -25.28 -56.92 13.80
CA LYS C 241 -24.98 -57.71 12.61
C LYS C 241 -25.89 -57.22 11.49
N ILE C 242 -25.28 -56.80 10.37
CA ILE C 242 -26.02 -56.34 9.20
C ILE C 242 -25.87 -57.38 8.10
N THR C 243 -26.96 -58.09 7.80
CA THR C 243 -26.93 -59.10 6.75
C THR C 243 -26.98 -58.44 5.37
N GLU C 244 -26.67 -59.22 4.33
CA GLU C 244 -26.75 -58.68 2.97
C GLU C 244 -28.19 -58.36 2.60
N ASP C 245 -29.16 -59.09 3.19
CA ASP C 245 -30.57 -58.82 2.95
C ASP C 245 -30.94 -57.42 3.42
N VAL C 246 -30.44 -57.01 4.58
CA VAL C 246 -30.76 -55.71 5.16
C VAL C 246 -30.19 -54.59 4.30
N LEU C 247 -28.98 -54.80 3.77
CA LEU C 247 -28.40 -53.82 2.86
C LEU C 247 -29.28 -53.57 1.66
N GLU C 248 -29.97 -54.62 1.20
CA GLU C 248 -30.86 -54.49 0.04
C GLU C 248 -32.21 -53.92 0.49
N GLN C 249 -32.70 -54.38 1.65
CA GLN C 249 -33.98 -53.90 2.19
C GLN C 249 -33.99 -52.39 2.37
N PHE C 250 -32.90 -51.83 2.88
CA PHE C 250 -32.83 -50.36 3.12
C PHE C 250 -32.11 -49.69 1.96
N GLY C 251 -31.76 -50.47 0.93
CA GLY C 251 -31.07 -49.91 -0.26
C GLY C 251 -29.84 -49.10 0.10
N ILE C 252 -28.93 -49.70 0.86
CA ILE C 252 -27.69 -48.98 1.27
C ILE C 252 -26.46 -49.80 0.88
N GLN C 253 -25.30 -49.15 0.83
CA GLN C 253 -24.06 -49.81 0.42
C GLN C 253 -23.21 -50.13 1.65
N PRO C 254 -22.37 -51.17 1.61
CA PRO C 254 -21.69 -51.59 2.86
C PRO C 254 -20.87 -50.48 3.46
N ASN C 255 -20.15 -49.73 2.62
CA ASN C 255 -19.44 -48.53 3.06
C ASN C 255 -20.35 -47.59 3.84
N GLU C 256 -21.58 -47.37 3.35
CA GLU C 256 -22.50 -46.47 4.04
C GLU C 256 -22.97 -47.07 5.35
N ALA C 257 -23.20 -48.39 5.37
CA ALA C 257 -23.69 -49.06 6.58
C ALA C 257 -22.67 -49.00 7.70
N SER C 258 -21.38 -49.08 7.35
CA SER C 258 -20.28 -49.07 8.32
C SER C 258 -20.14 -47.76 9.06
N GLN C 259 -20.64 -46.66 8.48
CA GLN C 259 -20.57 -45.33 9.09
C GLN C 259 -21.50 -45.18 10.29
N PHE C 260 -22.30 -46.20 10.61
CA PHE C 260 -23.20 -46.16 11.76
C PHE C 260 -22.63 -46.89 12.96
N VAL C 261 -21.31 -47.05 12.97
CA VAL C 261 -20.64 -47.87 13.97
C VAL C 261 -20.87 -47.35 15.39
N ASN C 262 -20.94 -46.03 15.57
CA ASN C 262 -21.09 -45.44 16.91
C ASN C 262 -22.52 -45.04 17.24
N THR C 263 -23.50 -45.45 16.43
CA THR C 263 -24.87 -45.10 16.73
C THR C 263 -25.28 -45.51 18.15
N ILE C 264 -24.71 -46.60 18.67
CA ILE C 264 -25.11 -47.13 19.97
C ILE C 264 -24.11 -46.76 21.06
N ALA C 265 -23.15 -45.85 20.77
CA ALA C 265 -22.00 -45.62 21.65
C ALA C 265 -22.36 -44.96 22.97
N ASP C 266 -23.59 -44.48 23.11
CA ASP C 266 -24.00 -43.84 24.35
C ASP C 266 -24.82 -44.74 25.28
N ILE C 267 -25.06 -46.01 24.90
CA ILE C 267 -25.76 -46.96 25.78
C ILE C 267 -25.08 -47.03 27.15
N LYS C 268 -25.89 -46.87 28.22
CA LYS C 268 -25.37 -47.05 29.57
C LYS C 268 -24.84 -48.47 29.78
N GLY C 269 -23.63 -48.58 30.33
CA GLY C 269 -22.97 -49.86 30.56
C GLY C 269 -22.14 -50.38 29.40
N LEU C 270 -22.17 -49.72 28.26
CA LEU C 270 -21.40 -50.17 27.10
C LEU C 270 -19.91 -50.16 27.41
N LYS C 271 -19.24 -51.26 27.02
CA LYS C 271 -17.81 -51.41 27.25
C LYS C 271 -17.09 -51.71 25.94
N ILE C 272 -17.55 -52.75 25.24
CA ILE C 272 -16.96 -53.14 23.96
C ILE C 272 -18.09 -53.39 22.98
N TRP C 273 -17.91 -52.99 21.71
CA TRP C 273 -18.91 -53.34 20.72
C TRP C 273 -18.28 -53.58 19.35
N VAL C 274 -19.05 -54.27 18.50
CA VAL C 274 -18.61 -54.64 17.17
C VAL C 274 -19.77 -54.39 16.22
N PHE C 275 -19.45 -53.99 15.00
CA PHE C 275 -20.45 -53.65 13.99
C PHE C 275 -20.04 -54.41 12.74
N ALA C 276 -20.86 -55.37 12.33
CA ALA C 276 -20.48 -56.35 11.32
C ALA C 276 -21.40 -56.27 10.11
N VAL C 277 -20.81 -56.16 8.92
CA VAL C 277 -21.55 -55.97 7.69
C VAL C 277 -21.13 -57.03 6.69
N ASP C 278 -22.09 -57.78 6.15
CA ASP C 278 -21.78 -58.79 5.14
C ASP C 278 -21.65 -58.14 3.77
N GLU C 279 -20.42 -58.01 3.29
CA GLU C 279 -20.10 -57.42 2.00
C GLU C 279 -20.12 -58.46 0.86
N GLY C 280 -20.73 -59.62 1.06
CA GLY C 280 -20.73 -60.67 0.04
C GLY C 280 -19.52 -61.57 0.11
N ASN C 281 -18.35 -61.07 -0.29
CA ASN C 281 -17.13 -61.88 -0.23
C ASN C 281 -16.67 -62.11 1.21
N GLU C 282 -17.03 -61.21 2.12
CA GLU C 282 -16.51 -61.23 3.48
C GLU C 282 -17.50 -60.53 4.39
N ILE C 283 -17.21 -60.56 5.69
CA ILE C 283 -17.95 -59.80 6.69
C ILE C 283 -16.97 -58.85 7.35
N ARG C 284 -17.19 -57.55 7.13
CA ARG C 284 -16.29 -56.51 7.64
C ARG C 284 -16.77 -56.06 9.00
N CYS C 285 -15.93 -56.25 10.01
CA CYS C 285 -16.23 -55.93 11.39
C CYS C 285 -15.44 -54.70 11.83
N ARG C 286 -16.12 -53.78 12.49
CA ARG C 286 -15.48 -52.63 13.11
C ARG C 286 -15.53 -52.85 14.61
N LEU C 287 -14.36 -52.94 15.25
CA LEU C 287 -14.27 -53.24 16.67
C LEU C 287 -14.11 -51.96 17.48
N ARG C 288 -14.80 -51.86 18.62
CA ARG C 288 -14.80 -50.63 19.41
C ARG C 288 -14.82 -50.94 20.90
N SER C 289 -14.05 -50.16 21.65
CA SER C 289 -14.02 -50.25 23.10
C SER C 289 -14.05 -48.85 23.73
N LYS C 290 -14.49 -48.81 24.99
CA LYS C 290 -14.51 -47.64 25.85
C LYS C 290 -13.31 -47.68 26.79
N GLY C 291 -12.87 -46.49 27.22
CA GLY C 291 -11.83 -46.39 28.25
C GLY C 291 -10.54 -47.07 27.84
N GLN C 292 -9.88 -47.70 28.81
CA GLN C 292 -8.57 -48.30 28.61
C GLN C 292 -8.66 -49.79 28.25
N LEU C 293 -9.84 -50.22 27.78
CA LEU C 293 -9.99 -51.58 27.27
C LEU C 293 -9.38 -51.67 25.87
N ILE C 294 -8.66 -52.77 25.63
CA ILE C 294 -7.90 -52.96 24.39
C ILE C 294 -8.52 -54.05 23.54
N ILE C 295 -8.74 -53.76 22.26
CA ILE C 295 -9.29 -54.79 21.39
C ILE C 295 -8.47 -54.96 20.12
N ASN C 296 -7.44 -54.15 19.92
CA ASN C 296 -6.65 -54.36 18.73
C ASN C 296 -5.86 -55.68 18.77
N ASP C 297 -5.56 -56.23 19.96
CA ASP C 297 -4.87 -57.51 20.01
C ASP C 297 -5.76 -58.63 19.49
N ILE C 298 -7.03 -58.64 19.91
CA ILE C 298 -7.99 -59.59 19.36
C ILE C 298 -8.09 -59.41 17.85
N ALA C 299 -8.22 -58.15 17.41
CA ALA C 299 -8.27 -57.88 15.98
C ALA C 299 -7.08 -58.50 15.26
N GLN C 300 -5.87 -58.28 15.78
CA GLN C 300 -4.68 -58.84 15.14
C GLN C 300 -4.75 -60.36 15.11
N ASP C 301 -5.33 -60.96 16.15
CA ASP C 301 -5.38 -62.43 16.21
C ASP C 301 -6.16 -63.00 15.05
N PHE C 302 -7.22 -62.31 14.63
CA PHE C 302 -8.07 -62.78 13.53
C PHE C 302 -7.66 -62.22 12.16
N GLY C 303 -6.47 -61.65 12.04
CA GLY C 303 -5.95 -61.21 10.76
C GLY C 303 -6.18 -59.73 10.46
N GLY C 304 -6.75 -58.98 11.40
CA GLY C 304 -7.00 -57.55 11.23
C GLY C 304 -6.01 -56.66 11.97
N GLY C 305 -6.47 -55.47 12.36
CA GLY C 305 -5.66 -54.62 13.23
C GLY C 305 -6.26 -53.24 13.35
N GLY C 306 -5.49 -52.34 13.97
CA GLY C 306 -5.90 -50.99 14.23
C GLY C 306 -5.43 -50.52 15.60
N HIS C 307 -6.17 -49.43 16.14
CA HIS C 307 -5.90 -48.74 17.40
C HIS C 307 -6.60 -49.49 18.52
N PRO C 308 -6.04 -49.43 19.73
CA PRO C 308 -6.59 -50.20 20.84
C PRO C 308 -8.10 -50.05 21.04
N ASN C 309 -8.67 -48.88 20.75
CA ASN C 309 -10.11 -48.61 20.95
C ASN C 309 -10.90 -48.68 19.65
N ALA C 310 -10.21 -48.83 18.51
CA ALA C 310 -10.83 -48.73 17.18
C ALA C 310 -10.01 -49.57 16.21
N SER C 311 -10.55 -50.75 15.85
CA SER C 311 -9.85 -51.70 15.00
C SER C 311 -10.81 -52.33 14.01
N GLY C 312 -10.24 -52.98 13.00
CA GLY C 312 -11.03 -53.65 11.97
C GLY C 312 -10.54 -55.06 11.73
N VAL C 313 -11.49 -55.96 11.44
CA VAL C 313 -11.18 -57.33 11.05
C VAL C 313 -12.19 -57.78 10.02
N SER C 314 -11.74 -58.67 9.12
CA SER C 314 -12.64 -59.31 8.17
C SER C 314 -12.70 -60.80 8.46
N VAL C 315 -13.91 -61.31 8.66
CA VAL C 315 -14.10 -62.73 8.84
C VAL C 315 -14.75 -63.28 7.57
N ASP C 316 -14.60 -64.60 7.38
CA ASP C 316 -15.14 -65.29 6.22
C ASP C 316 -16.57 -65.84 6.44
N SER C 317 -17.07 -65.86 7.68
CA SER C 317 -18.35 -66.51 7.96
C SER C 317 -18.95 -66.03 9.28
N TRP C 318 -20.28 -66.11 9.37
CA TRP C 318 -20.89 -65.71 10.64
C TRP C 318 -20.50 -66.65 11.77
N ASP C 319 -19.92 -67.80 11.44
CA ASP C 319 -19.42 -68.71 12.46
C ASP C 319 -18.11 -68.21 13.04
N GLU C 320 -17.20 -67.75 12.17
CA GLU C 320 -15.99 -67.07 12.62
C GLU C 320 -16.35 -65.85 13.50
N PHE C 321 -17.33 -65.06 13.07
CA PHE C 321 -17.76 -63.90 13.87
C PHE C 321 -18.11 -64.29 15.30
N GLU C 322 -18.69 -65.48 15.49
CA GLU C 322 -19.08 -65.84 16.85
C GLU C 322 -17.85 -66.14 17.69
N GLN C 323 -16.82 -66.73 17.09
CA GLN C 323 -15.54 -66.92 17.78
C GLN C 323 -14.83 -65.58 18.01
N LEU C 324 -14.93 -64.66 17.05
CA LEU C 324 -14.42 -63.30 17.30
C LEU C 324 -15.11 -62.66 18.49
N ALA C 325 -16.42 -62.81 18.60
CA ALA C 325 -17.12 -62.12 19.71
C ALA C 325 -16.69 -62.69 21.05
N THR C 326 -16.45 -63.99 21.12
CA THR C 326 -16.09 -64.64 22.40
C THR C 326 -14.76 -64.06 22.93
N ALA C 327 -13.77 -63.85 22.08
CA ALA C 327 -12.46 -63.28 22.49
C ALA C 327 -12.62 -61.82 22.94
N LEU C 328 -13.48 -61.11 22.21
CA LEU C 328 -13.77 -59.71 22.59
C LEU C 328 -14.37 -59.69 23.99
N ARG C 329 -15.15 -60.71 24.33
CA ARG C 329 -15.81 -60.74 25.65
C ARG C 329 -14.81 -61.21 26.71
N THR C 330 -13.74 -61.90 26.31
CA THR C 330 -12.69 -62.30 27.30
C THR C 330 -11.96 -61.04 27.76
N LYS C 331 -12.03 -59.96 26.98
CA LYS C 331 -11.36 -58.70 27.36
C LYS C 331 -12.27 -57.93 28.31
N LEU C 332 -13.53 -58.37 28.43
CA LEU C 332 -14.47 -57.74 29.38
C LEU C 332 -14.26 -58.40 30.74
N ASN C 333 -13.23 -57.97 31.47
CA ASN C 333 -12.97 -58.50 32.83
C ASN C 333 -12.79 -60.03 32.76
N SER D 11 53.48 37.22 -2.42
CA SER D 11 52.92 38.43 -3.13
C SER D 11 52.34 39.47 -2.19
N SER D 12 52.22 40.77 -2.58
CA SER D 12 51.59 41.75 -1.68
C SER D 12 50.26 41.24 -1.12
N GLU D 13 49.37 40.80 -2.01
CA GLU D 13 48.03 40.32 -1.61
C GLU D 13 48.14 39.22 -0.55
N ASN D 14 49.06 38.28 -0.77
CA ASN D 14 49.21 37.14 0.17
C ASN D 14 49.68 37.66 1.52
N LEU D 15 50.64 38.60 1.53
CA LEU D 15 51.18 39.13 2.80
C LEU D 15 50.07 39.79 3.59
N TYR D 16 49.19 40.53 2.90
CA TYR D 16 48.05 41.19 3.57
C TYR D 16 47.15 40.12 4.19
N PHE D 17 46.94 39.02 3.48
CA PHE D 17 46.07 37.95 3.99
C PHE D 17 46.64 37.37 5.25
N GLN D 18 47.96 37.15 5.27
CA GLN D 18 48.62 36.62 6.45
C GLN D 18 48.51 37.57 7.63
N GLY D 19 48.50 38.88 7.38
CA GLY D 19 48.39 39.83 8.47
C GLY D 19 47.03 39.83 9.13
N HIS D 20 45.97 39.62 8.34
CA HIS D 20 44.62 39.57 8.89
C HIS D 20 44.46 38.45 9.91
N MET D 21 45.20 37.35 9.75
CA MET D 21 45.06 36.18 10.61
C MET D 21 45.94 36.22 11.86
N ILE D 22 46.95 37.09 11.89
CA ILE D 22 47.93 37.04 12.99
C ILE D 22 47.25 37.18 14.35
N SER D 23 46.30 38.10 14.47
CA SER D 23 45.66 38.28 15.76
C SER D 23 44.94 37.01 16.20
N THR D 24 44.26 36.33 15.25
CA THR D 24 43.54 35.09 15.58
C THR D 24 44.51 34.01 16.06
N LEU D 25 45.64 33.86 15.39
CA LEU D 25 46.64 32.87 15.77
C LEU D 25 47.05 33.03 17.23
N ASN D 26 47.28 34.28 17.65
CA ASN D 26 47.75 34.54 19.00
C ASN D 26 46.67 34.33 20.04
N GLU D 27 45.41 34.49 19.66
CA GLU D 27 44.33 34.27 20.62
C GLU D 27 44.08 32.79 20.82
N ILE D 28 44.20 32.00 19.75
CA ILE D 28 44.09 30.55 19.88
C ILE D 28 45.15 30.03 20.84
N MET D 29 46.39 30.50 20.68
CA MET D 29 47.49 29.98 21.53
C MET D 29 47.26 30.38 22.99
N LYS D 30 46.76 31.59 23.23
CA LYS D 30 46.47 32.02 24.61
C LYS D 30 45.44 31.06 25.22
N CYS D 31 44.38 30.78 24.47
CA CYS D 31 43.39 29.83 24.99
C CYS D 31 44.04 28.49 25.30
N ILE D 32 44.89 28.01 24.39
CA ILE D 32 45.60 26.76 24.61
C ILE D 32 46.38 26.83 25.92
N GLU D 33 47.16 27.91 26.09
CA GLU D 33 47.96 28.09 27.29
C GLU D 33 47.07 28.14 28.53
N ASP D 34 45.91 28.80 28.43
CA ASP D 34 45.02 28.99 29.56
C ASP D 34 44.27 27.72 29.97
N ASN D 35 44.31 26.65 29.17
CA ASN D 35 43.51 25.47 29.46
C ASN D 35 44.40 24.25 29.58
N ASP D 36 44.16 23.46 30.62
CA ASP D 36 44.92 22.22 30.82
C ASP D 36 44.32 21.03 30.11
N THR D 37 43.02 21.08 29.80
CA THR D 37 42.34 20.01 29.06
C THR D 37 41.89 20.56 27.71
N ILE D 38 42.35 19.93 26.64
CA ILE D 38 42.05 20.36 25.28
C ILE D 38 41.61 19.14 24.50
N ILE D 39 40.46 19.27 23.83
CA ILE D 39 39.84 18.18 23.09
C ILE D 39 39.63 18.64 21.66
N ILE D 40 40.02 17.81 20.69
CA ILE D 40 40.02 18.17 19.28
C ILE D 40 39.09 17.24 18.52
N HIS D 41 38.12 17.82 17.82
CA HIS D 41 37.16 17.13 16.96
C HIS D 41 37.48 17.42 15.49
N ARG D 42 36.83 16.64 14.61
CA ARG D 42 36.87 16.80 13.15
C ARG D 42 35.49 16.37 12.63
N HIS D 43 35.34 16.25 11.30
CA HIS D 43 34.02 16.06 10.69
C HIS D 43 33.64 14.58 10.54
N VAL D 44 32.32 14.30 10.49
CA VAL D 44 31.87 12.94 10.20
C VAL D 44 32.30 12.54 8.81
N ARG D 45 32.40 11.22 8.60
CA ARG D 45 32.87 10.65 7.33
C ARG D 45 34.27 11.20 7.06
N PRO D 46 35.22 10.95 7.96
CA PRO D 46 36.48 11.69 7.90
C PRO D 46 37.35 11.28 6.73
N ASP D 47 38.17 12.23 6.30
CA ASP D 47 39.16 12.11 5.25
C ASP D 47 40.56 12.20 5.85
N PRO D 48 41.61 11.98 5.06
CA PRO D 48 42.98 12.11 5.61
C PRO D 48 43.24 13.43 6.28
N ASP D 49 42.79 14.49 5.63
CA ASP D 49 43.02 15.85 6.16
C ASP D 49 42.34 16.05 7.51
N ALA D 50 41.13 15.49 7.69
CA ALA D 50 40.48 15.55 8.99
C ALA D 50 41.30 14.85 10.05
N TYR D 51 41.78 13.64 9.77
CA TYR D 51 42.61 12.91 10.73
C TYR D 51 43.91 13.67 10.98
N GLY D 52 44.57 14.09 9.91
CA GLY D 52 45.89 14.66 10.04
C GLY D 52 45.89 16.00 10.74
N SER D 53 44.87 16.82 10.50
CA SER D 53 44.86 18.12 11.17
C SER D 53 44.57 17.96 12.66
N GLN D 54 43.58 17.10 13.01
CA GLN D 54 43.26 16.80 14.41
C GLN D 54 44.48 16.24 15.16
N LEU D 55 45.08 15.16 14.64
CA LEU D 55 46.21 14.53 15.33
C LEU D 55 47.46 15.39 15.28
N GLY D 56 47.71 16.04 14.14
CA GLY D 56 48.79 17.02 14.08
C GLY D 56 48.71 18.07 15.17
N LEU D 57 47.54 18.70 15.34
CA LEU D 57 47.40 19.70 16.39
C LEU D 57 47.53 19.08 17.77
N LYS D 58 46.93 17.90 17.98
CA LYS D 58 47.09 17.21 19.25
C LYS D 58 48.56 17.02 19.61
N TYR D 59 49.32 16.43 18.68
CA TYR D 59 50.72 16.09 18.96
C TYR D 59 51.56 17.35 19.13
N TYR D 60 51.22 18.40 18.38
CA TYR D 60 51.90 19.67 18.55
C TYR D 60 51.69 20.21 19.96
N ILE D 61 50.43 20.27 20.41
CA ILE D 61 50.17 20.76 21.77
C ILE D 61 50.85 19.88 22.80
N GLN D 62 50.79 18.56 22.60
CA GLN D 62 51.44 17.64 23.54
C GLN D 62 52.94 17.87 23.61
N GLN D 63 53.56 18.24 22.49
CA GLN D 63 55.01 18.46 22.47
C GLN D 63 55.38 19.83 23.02
N LYS D 64 54.56 20.85 22.77
CA LYS D 64 54.85 22.17 23.30
C LYS D 64 54.51 22.30 24.78
N PHE D 65 53.50 21.56 25.24
CA PHE D 65 53.03 21.62 26.63
C PHE D 65 52.87 20.20 27.14
N PRO D 66 53.94 19.58 27.62
CA PRO D 66 53.88 18.15 27.94
C PRO D 66 52.98 17.81 29.12
N GLN D 67 52.55 18.80 29.89
CA GLN D 67 51.77 18.55 31.10
C GLN D 67 50.27 18.69 30.87
N LYS D 68 49.85 19.23 29.73
CA LYS D 68 48.44 19.38 29.44
C LYS D 68 47.85 18.05 29.01
N GLN D 69 46.53 17.94 29.09
CA GLN D 69 45.82 16.75 28.67
C GLN D 69 45.12 17.03 27.35
N VAL D 70 45.65 16.45 26.27
CA VAL D 70 45.17 16.71 24.91
C VAL D 70 44.60 15.43 24.32
N PHE D 71 43.37 15.51 23.84
CA PHE D 71 42.65 14.33 23.36
C PHE D 71 42.11 14.58 21.96
N ALA D 72 42.04 13.51 21.17
CA ALA D 72 41.48 13.52 19.82
C ALA D 72 40.35 12.51 19.78
N VAL D 73 39.12 12.99 19.59
CA VAL D 73 37.93 12.16 19.74
C VAL D 73 37.21 11.99 18.43
N GLY D 74 36.38 10.95 18.36
CA GLY D 74 35.47 10.75 17.26
C GLY D 74 35.38 9.30 16.87
N GLU D 75 34.44 8.97 15.99
CA GLU D 75 34.32 7.60 15.51
C GLU D 75 35.48 7.30 14.55
N ALA D 76 36.24 6.25 14.83
CA ALA D 76 37.34 5.87 13.97
C ALA D 76 36.86 5.30 12.64
N GLU D 77 37.64 5.54 11.60
CA GLU D 77 37.39 5.00 10.28
C GLU D 77 38.46 3.96 10.00
N SER D 78 38.03 2.73 9.73
CA SER D 78 38.97 1.65 9.56
C SER D 78 40.00 1.95 8.48
N SER D 79 39.58 2.63 7.39
CA SER D 79 40.53 2.91 6.31
C SER D 79 41.63 3.86 6.76
N LEU D 80 41.39 4.69 7.75
CA LEU D 80 42.37 5.72 8.11
C LEU D 80 43.04 5.47 9.46
N SER D 81 42.67 4.39 10.16
CA SER D 81 43.16 4.18 11.53
C SER D 81 44.69 4.03 11.60
N PHE D 82 45.34 3.71 10.49
CA PHE D 82 46.81 3.65 10.51
C PHE D 82 47.40 5.04 10.79
N ILE D 83 46.68 6.09 10.43
CA ILE D 83 47.23 7.43 10.64
C ILE D 83 47.46 7.70 12.13
N GLY D 84 46.54 7.23 12.98
CA GLY D 84 46.66 7.46 14.40
C GLY D 84 45.46 6.92 15.16
N GLU D 85 45.63 6.64 16.44
CA GLU D 85 44.54 6.14 17.27
C GLU D 85 43.84 7.30 17.96
N LEU D 86 42.52 7.21 18.06
CA LEU D 86 41.72 8.24 18.69
C LEU D 86 41.56 7.93 20.18
N ASP D 87 41.20 8.95 20.95
CA ASP D 87 41.05 8.85 22.39
C ASP D 87 39.59 8.69 22.78
N ASN D 88 39.35 7.93 23.85
CA ASN D 88 38.00 7.69 24.34
C ASN D 88 37.93 8.28 25.75
N ILE D 89 37.06 9.28 25.92
CA ILE D 89 37.01 10.05 27.16
C ILE D 89 35.58 10.12 27.67
N ASP D 90 35.44 10.19 28.99
CA ASP D 90 34.15 10.35 29.62
C ASP D 90 33.68 11.80 29.48
N ASP D 91 32.37 12.01 29.55
CA ASP D 91 31.79 13.33 29.30
C ASP D 91 32.34 14.37 30.27
N LYS D 92 32.71 13.98 31.49
CA LYS D 92 33.19 14.94 32.47
C LYS D 92 34.51 15.59 32.04
N THR D 93 35.24 14.96 31.12
CA THR D 93 36.51 15.50 30.66
C THR D 93 36.34 16.87 30.00
N TYR D 94 35.14 17.20 29.53
CA TYR D 94 34.86 18.46 28.83
C TYR D 94 34.62 19.64 29.77
N GLN D 95 34.57 19.42 31.08
CA GLN D 95 34.22 20.49 32.02
C GLN D 95 35.37 21.50 32.09
N ASP D 96 35.08 22.74 31.71
CA ASP D 96 36.05 23.84 31.72
C ASP D 96 37.24 23.55 30.80
N ALA D 97 37.00 22.78 29.75
CA ALA D 97 38.02 22.42 28.77
C ALA D 97 37.88 23.25 27.51
N LEU D 98 38.96 23.26 26.73
CA LEU D 98 39.01 23.91 25.44
C LEU D 98 38.70 22.88 24.36
N VAL D 99 37.76 23.21 23.49
CA VAL D 99 37.40 22.38 22.36
C VAL D 99 37.86 23.07 21.10
N ILE D 100 38.56 22.32 20.25
CA ILE D 100 38.96 22.77 18.93
C ILE D 100 38.35 21.82 17.91
N VAL D 101 37.80 22.39 16.84
CA VAL D 101 37.23 21.64 15.74
C VAL D 101 38.01 21.97 14.48
N CYS D 102 38.55 20.92 13.83
CA CYS D 102 39.38 21.05 12.64
C CYS D 102 38.61 20.60 11.40
N ASP D 103 38.85 21.28 10.27
CA ASP D 103 38.45 20.78 8.96
C ASP D 103 36.94 20.70 8.73
N THR D 104 36.13 21.30 9.61
CA THR D 104 34.66 21.10 9.55
C THR D 104 33.96 22.43 9.30
N ALA D 105 33.43 22.58 8.09
CA ALA D 105 32.81 23.83 7.67
C ALA D 105 31.52 24.10 8.43
N ASN D 106 30.67 23.07 8.59
CA ASN D 106 29.32 23.21 9.13
C ASN D 106 29.20 22.45 10.44
N ALA D 107 28.59 23.11 11.44
CA ALA D 107 28.47 22.49 12.75
C ALA D 107 27.69 21.18 12.77
N PRO D 108 26.64 20.98 11.98
CA PRO D 108 25.95 19.68 11.98
C PRO D 108 26.84 18.51 11.58
N ARG D 109 28.04 18.79 11.05
CA ARG D 109 28.91 17.73 10.55
C ARG D 109 30.08 17.44 11.48
N ILE D 110 30.21 18.14 12.61
CA ILE D 110 31.16 17.72 13.65
C ILE D 110 30.78 16.35 14.17
N ASP D 111 31.76 15.45 14.28
CA ASP D 111 31.45 14.05 14.64
C ASP D 111 30.85 13.88 16.04
N ASP D 112 31.58 14.26 17.07
CA ASP D 112 31.11 14.07 18.43
C ASP D 112 30.38 15.31 18.91
N GLU D 113 29.11 15.14 19.30
CA GLU D 113 28.27 16.27 19.68
C GLU D 113 28.72 16.93 20.98
N ARG D 114 29.61 16.30 21.73
CA ARG D 114 30.03 16.89 23.00
C ARG D 114 30.90 18.13 22.82
N TYR D 115 31.07 18.60 21.57
CA TYR D 115 31.98 19.70 21.27
C TYR D 115 31.61 21.00 21.96
N SER D 116 30.32 21.20 22.28
CA SER D 116 29.81 22.41 22.95
C SER D 116 29.84 22.33 24.47
N THR D 117 30.15 21.17 25.03
CA THR D 117 30.22 20.92 26.48
C THR D 117 31.39 21.63 27.15
N GLY D 118 32.29 22.25 26.40
CA GLY D 118 33.44 22.91 26.98
C GLY D 118 33.20 24.40 27.22
N ARG D 119 34.22 25.05 27.76
CA ARG D 119 34.12 26.47 28.09
C ARG D 119 34.57 27.40 26.96
N LYS D 120 35.19 26.86 25.91
CA LYS D 120 35.61 27.62 24.74
C LYS D 120 35.54 26.69 23.56
N LEU D 121 35.16 27.24 22.42
CA LEU D 121 35.10 26.53 21.15
C LEU D 121 35.93 27.29 20.13
N ILE D 122 36.86 26.58 19.49
CA ILE D 122 37.70 27.16 18.44
C ILE D 122 37.49 26.39 17.14
N LYS D 123 37.28 27.14 16.07
CA LYS D 123 37.19 26.58 14.73
C LYS D 123 38.44 26.89 13.92
N ILE D 124 39.00 25.83 13.31
CA ILE D 124 40.14 25.92 12.39
C ILE D 124 39.80 25.14 11.15
N ASP D 125 39.79 25.82 10.01
CA ASP D 125 39.24 25.21 8.81
C ASP D 125 39.76 25.95 7.58
N HIS D 126 39.63 25.28 6.43
CA HIS D 126 39.97 25.89 5.15
C HIS D 126 38.82 26.01 4.15
N HIS D 127 37.61 25.61 4.50
CA HIS D 127 36.42 25.69 3.68
C HIS D 127 35.82 27.09 3.77
N PRO D 128 34.95 27.48 2.84
CA PRO D 128 34.37 28.83 2.91
C PRO D 128 33.68 29.09 4.24
N ALA D 129 33.92 30.26 4.81
CA ALA D 129 33.39 30.60 6.14
C ALA D 129 31.89 30.90 6.04
N VAL D 130 31.08 29.85 6.06
CA VAL D 130 29.63 30.04 5.97
C VAL D 130 28.96 29.92 7.34
N ASP D 131 29.64 29.23 8.26
CA ASP D 131 29.14 28.89 9.59
C ASP D 131 30.25 29.12 10.59
N GLN D 132 30.24 30.28 11.24
CA GLN D 132 31.29 30.64 12.17
C GLN D 132 30.90 30.19 13.58
N TYR D 133 30.87 28.85 13.73
CA TYR D 133 30.32 28.30 14.96
C TYR D 133 31.25 28.40 16.17
N GLY D 134 32.52 28.81 15.99
CA GLY D 134 33.43 28.87 17.12
C GLY D 134 33.37 30.24 17.78
N ASP D 135 33.78 30.29 19.06
CA ASP D 135 34.09 31.57 19.71
C ASP D 135 35.21 32.30 19.00
N ILE D 136 36.25 31.55 18.57
CA ILE D 136 37.32 32.02 17.70
C ILE D 136 37.25 31.17 16.43
N ASN D 137 37.43 31.81 15.27
CA ASN D 137 37.28 31.16 13.96
C ASN D 137 38.47 31.51 13.09
N LEU D 138 39.33 30.50 12.82
CA LEU D 138 40.48 30.67 11.91
C LEU D 138 40.13 29.99 10.60
N VAL D 139 39.87 30.77 9.56
CA VAL D 139 39.57 30.19 8.25
C VAL D 139 40.51 30.75 7.21
N ASN D 140 41.19 29.85 6.50
CA ASN D 140 42.05 30.22 5.39
C ASN D 140 41.68 29.39 4.17
N THR D 141 40.94 30.05 3.29
CA THR D 141 40.54 29.38 2.06
C THR D 141 41.66 29.32 1.07
N ASN D 142 42.75 30.03 1.31
CA ASN D 142 43.90 29.97 0.43
C ASN D 142 44.87 28.87 0.80
N ALA D 143 44.68 28.23 1.96
CA ALA D 143 45.41 27.00 2.29
C ALA D 143 44.89 25.83 1.48
N SER D 144 45.79 24.90 1.13
CA SER D 144 45.39 23.64 0.53
C SER D 144 44.53 22.78 1.45
N SER D 145 44.71 22.91 2.76
CA SER D 145 44.16 21.87 3.63
C SER D 145 44.10 22.42 5.04
N THR D 146 43.27 21.78 5.89
CA THR D 146 43.40 22.15 7.30
C THR D 146 44.77 21.77 7.88
N SER D 147 45.37 20.66 7.41
CA SER D 147 46.70 20.31 7.91
C SER D 147 47.71 21.43 7.62
N GLU D 148 47.63 22.05 6.45
CA GLU D 148 48.55 23.14 6.11
C GLU D 148 48.36 24.34 7.04
N ILE D 149 47.12 24.59 7.45
CA ILE D 149 46.87 25.62 8.46
C ILE D 149 47.55 25.26 9.77
N ILE D 150 47.46 23.99 10.19
CA ILE D 150 48.13 23.64 11.44
C ILE D 150 49.63 23.91 11.32
N TYR D 151 50.23 23.54 10.19
CA TYR D 151 51.66 23.80 10.04
C TYR D 151 51.97 25.29 10.11
N ASP D 152 51.17 26.14 9.44
CA ASP D 152 51.34 27.60 9.54
C ASP D 152 51.25 28.10 10.98
N LEU D 153 50.36 27.52 11.78
CA LEU D 153 50.32 27.87 13.19
C LEU D 153 51.65 27.56 13.87
N ILE D 154 52.15 26.33 13.69
CA ILE D 154 53.46 25.96 14.25
C ILE D 154 54.53 26.96 13.84
N SER D 155 54.55 27.31 12.56
CA SER D 155 55.56 28.21 12.01
C SER D 155 55.43 29.61 12.60
N HIS D 156 54.21 30.08 12.80
CA HIS D 156 53.99 31.40 13.37
C HIS D 156 54.61 31.54 14.75
N PHE D 157 54.60 30.46 15.53
CA PHE D 157 55.17 30.49 16.87
C PHE D 157 56.58 29.94 16.90
N ASN D 158 57.25 29.93 15.73
CA ASN D 158 58.65 29.53 15.58
C ASN D 158 58.93 28.21 16.29
N ASP D 159 58.05 27.24 16.03
CA ASP D 159 58.14 25.93 16.65
C ASP D 159 58.42 24.83 15.64
N GLU D 160 58.97 25.17 14.48
CA GLU D 160 59.19 24.17 13.44
C GLU D 160 60.15 23.06 13.91
N ALA D 161 61.05 23.38 14.84
CA ALA D 161 61.96 22.37 15.38
C ALA D 161 61.26 21.41 16.34
N ILE D 162 60.13 21.81 16.92
CA ILE D 162 59.38 20.92 17.80
C ILE D 162 58.72 19.80 17.02
N VAL D 163 58.60 19.95 15.70
CA VAL D 163 57.95 18.92 14.90
C VAL D 163 58.75 17.64 14.99
N ASN D 164 58.06 16.52 15.21
CA ASN D 164 58.69 15.20 15.26
C ASN D 164 58.13 14.33 14.13
N LYS D 165 58.47 13.04 14.15
CA LYS D 165 58.02 12.15 13.09
C LYS D 165 56.50 11.98 13.11
N ASP D 166 55.90 11.96 14.31
CA ASP D 166 54.45 11.83 14.41
C ASP D 166 53.74 13.03 13.81
N ILE D 167 54.13 14.24 14.22
CA ILE D 167 53.51 15.46 13.70
C ILE D 167 53.67 15.53 12.18
N ALA D 168 54.92 15.41 11.71
CA ALA D 168 55.16 15.52 10.28
C ALA D 168 54.40 14.46 9.49
N SER D 169 54.27 13.23 10.03
CA SER D 169 53.63 12.15 9.26
C SER D 169 52.16 12.46 9.02
N VAL D 170 51.45 12.81 10.08
CA VAL D 170 50.01 12.98 9.99
C VAL D 170 49.69 14.24 9.17
N LEU D 171 50.46 15.31 9.35
CA LEU D 171 50.21 16.52 8.58
C LEU D 171 50.46 16.27 7.10
N TYR D 172 51.52 15.54 6.78
CA TYR D 172 51.84 15.21 5.39
C TYR D 172 50.70 14.47 4.73
N LEU D 173 50.15 13.46 5.43
CA LEU D 173 49.03 12.71 4.87
C LEU D 173 47.80 13.58 4.68
N GLY D 174 47.59 14.56 5.57
CA GLY D 174 46.44 15.43 5.42
C GLY D 174 46.59 16.35 4.23
N ILE D 175 47.80 16.86 3.99
CA ILE D 175 48.04 17.66 2.79
C ILE D 175 47.89 16.82 1.54
N VAL D 176 48.36 15.58 1.58
CA VAL D 176 48.27 14.72 0.41
C VAL D 176 46.84 14.40 0.10
N GLY D 177 46.02 14.23 1.15
CA GLY D 177 44.63 13.86 0.95
C GLY D 177 43.83 14.94 0.25
N ASP D 178 43.92 16.18 0.72
CA ASP D 178 43.15 17.23 0.06
C ASP D 178 43.77 17.78 -1.23
N THR D 179 45.03 17.46 -1.55
CA THR D 179 45.61 17.88 -2.83
C THR D 179 45.63 16.81 -3.90
N GLY D 180 45.11 15.62 -3.60
CA GLY D 180 45.32 14.48 -4.47
C GLY D 180 46.79 14.18 -4.70
N ARG D 181 47.61 14.25 -3.64
CA ARG D 181 49.08 14.23 -3.76
C ARG D 181 49.61 15.25 -4.76
N PHE D 182 49.38 16.55 -4.43
CA PHE D 182 50.00 17.65 -5.16
C PHE D 182 49.52 17.72 -6.61
N LEU D 183 48.30 17.25 -6.87
CA LEU D 183 47.70 17.26 -8.20
C LEU D 183 46.70 18.40 -8.42
N PHE D 184 45.82 18.68 -7.46
CA PHE D 184 44.78 19.68 -7.66
C PHE D 184 45.34 21.11 -7.65
N ASN D 185 44.48 22.07 -8.06
CA ASN D 185 44.87 23.48 -8.13
C ASN D 185 45.08 24.13 -6.76
N ASN D 186 44.47 23.60 -5.71
CA ASN D 186 44.75 24.10 -4.36
C ASN D 186 46.15 23.77 -3.89
N THR D 187 46.99 23.16 -4.72
CA THR D 187 48.40 23.01 -4.36
C THR D 187 49.16 24.29 -4.71
N SER D 188 49.71 24.97 -3.72
CA SER D 188 50.53 26.15 -4.02
C SER D 188 52.00 25.81 -3.88
N GLU D 189 52.85 26.78 -4.24
CA GLU D 189 54.26 26.72 -3.89
C GLU D 189 54.47 26.50 -2.40
N HIS D 190 53.75 27.25 -1.57
CA HIS D 190 53.85 27.09 -0.11
C HIS D 190 53.47 25.67 0.32
N THR D 191 52.47 25.11 -0.33
CA THR D 191 52.07 23.75 -0.01
C THR D 191 53.24 22.80 -0.25
N MET D 192 53.86 22.92 -1.43
CA MET D 192 54.98 22.05 -1.75
C MET D 192 56.11 22.22 -0.75
N GLU D 193 56.41 23.47 -0.38
CA GLU D 193 57.50 23.77 0.55
C GLU D 193 57.29 23.12 1.91
N ILE D 194 56.07 23.25 2.45
CA ILE D 194 55.73 22.57 3.69
C ILE D 194 55.96 21.07 3.54
N ALA D 195 55.40 20.46 2.49
CA ALA D 195 55.51 19.01 2.35
C ALA D 195 56.97 18.57 2.28
N GLY D 196 57.83 19.38 1.64
CA GLY D 196 59.27 19.18 1.72
C GLY D 196 59.78 19.16 3.14
N LYS D 197 59.57 20.23 3.89
CA LYS D 197 60.02 20.28 5.29
C LYS D 197 59.56 19.03 6.05
N LEU D 198 58.35 18.53 5.74
CA LEU D 198 57.80 17.39 6.48
C LEU D 198 58.52 16.10 6.13
N ILE D 199 58.76 15.89 4.83
CA ILE D 199 59.64 14.83 4.34
C ILE D 199 61.02 14.91 4.98
N GLY D 200 61.45 16.11 5.37
CA GLY D 200 62.75 16.24 5.99
C GLY D 200 62.82 15.74 7.41
N HIS D 201 61.69 15.39 8.00
CA HIS D 201 61.67 14.81 9.34
C HIS D 201 61.80 13.30 9.31
N ASP D 202 62.30 12.75 8.20
CA ASP D 202 62.60 11.32 8.09
C ASP D 202 61.33 10.48 8.33
N ILE D 203 60.25 10.92 7.76
CA ILE D 203 59.07 10.09 7.65
C ILE D 203 59.27 9.21 6.43
N ASP D 204 58.65 8.05 6.42
CA ASP D 204 58.78 7.15 5.27
C ASP D 204 57.60 7.38 4.36
N HIS D 205 57.65 8.50 3.61
CA HIS D 205 56.49 8.96 2.87
C HIS D 205 55.97 7.90 1.91
N ASN D 206 56.87 7.16 1.21
CA ASN D 206 56.36 6.14 0.30
C ASN D 206 55.58 5.09 1.07
N ALA D 207 56.12 4.64 2.21
CA ALA D 207 55.39 3.67 3.03
C ALA D 207 54.05 4.23 3.49
N LEU D 208 54.02 5.48 3.96
CA LEU D 208 52.76 6.05 4.40
C LEU D 208 51.73 6.04 3.26
N LEU D 209 52.15 6.55 2.10
CA LEU D 209 51.28 6.61 0.92
C LEU D 209 50.80 5.22 0.49
N ASN D 210 51.74 4.27 0.35
CA ASN D 210 51.34 2.90 0.04
C ASN D 210 50.21 2.44 0.95
N LYS D 211 50.35 2.66 2.26
CA LYS D 211 49.29 2.27 3.19
C LYS D 211 47.99 3.00 2.87
N MET D 212 48.06 4.29 2.46
CA MET D 212 46.85 5.07 2.20
C MET D 212 46.16 4.63 0.91
N MET D 213 46.94 4.30 -0.13
CA MET D 213 46.37 4.02 -1.45
C MET D 213 45.97 2.57 -1.57
N GLU D 214 46.24 1.80 -0.51
CA GLU D 214 46.03 0.33 -0.49
C GLU D 214 44.62 -0.08 -0.93
N LYS D 215 44.59 -1.02 -1.87
CA LYS D 215 43.32 -1.47 -2.48
C LYS D 215 43.13 -2.99 -2.35
N ASP D 216 41.90 -3.47 -2.56
CA ASP D 216 41.60 -4.91 -2.42
C ASP D 216 41.84 -5.63 -3.74
N PRO D 217 42.62 -6.72 -3.77
CA PRO D 217 42.95 -7.40 -5.03
C PRO D 217 41.73 -7.95 -5.77
N LYS D 218 40.63 -8.16 -5.05
CA LYS D 218 39.42 -8.80 -5.66
C LYS D 218 38.73 -7.83 -6.62
N MET D 219 38.89 -6.53 -6.41
CA MET D 219 38.16 -5.54 -7.22
C MET D 219 38.91 -5.27 -8.52
N LEU D 220 40.17 -5.66 -8.58
CA LEU D 220 41.00 -5.35 -9.78
C LEU D 220 40.42 -6.03 -11.03
N PRO D 221 40.03 -7.32 -11.03
CA PRO D 221 39.46 -7.93 -12.23
C PRO D 221 38.28 -7.17 -12.81
N PHE D 222 37.40 -6.64 -11.99
CA PHE D 222 36.22 -5.97 -12.54
C PHE D 222 36.62 -4.67 -13.22
N GLN D 223 37.58 -3.94 -12.64
CA GLN D 223 38.10 -2.75 -13.31
C GLN D 223 38.57 -3.11 -14.71
N GLY D 224 39.16 -4.31 -14.85
CA GLY D 224 39.60 -4.76 -16.16
C GLY D 224 38.47 -4.95 -17.14
N TYR D 225 37.36 -5.55 -16.70
CA TYR D 225 36.18 -5.64 -17.54
C TYR D 225 35.77 -4.25 -18.01
N VAL D 226 35.72 -3.29 -17.07
CA VAL D 226 35.33 -1.95 -17.46
C VAL D 226 36.24 -1.46 -18.56
N LEU D 227 37.56 -1.73 -18.42
CA LEU D 227 38.51 -1.27 -19.44
C LEU D 227 38.34 -2.01 -20.77
N GLN D 228 37.83 -3.24 -20.78
CA GLN D 228 37.59 -3.99 -22.01
C GLN D 228 36.17 -3.83 -22.57
N HIS D 229 35.27 -3.11 -21.88
CA HIS D 229 33.89 -3.04 -22.38
C HIS D 229 33.33 -1.63 -22.41
N PHE D 230 34.18 -0.61 -22.40
CA PHE D 230 33.67 0.72 -22.63
C PHE D 230 33.55 0.97 -24.13
N GLU D 231 32.68 1.90 -24.48
CA GLU D 231 32.35 2.21 -25.87
C GLU D 231 32.48 3.72 -26.02
N LEU D 232 33.62 4.17 -26.55
CA LEU D 232 33.85 5.57 -26.82
C LEU D 232 33.34 5.89 -28.21
N MET D 233 32.63 7.02 -28.33
CA MET D 233 32.13 7.47 -29.63
C MET D 233 32.95 8.67 -30.07
N ASP D 234 32.93 8.92 -31.40
CA ASP D 234 33.66 10.03 -32.00
C ASP D 234 33.28 11.39 -31.42
N ASP D 235 32.08 11.53 -30.87
CA ASP D 235 31.67 12.82 -30.33
C ASP D 235 32.15 13.05 -28.90
N GLY D 236 32.84 12.08 -28.30
CA GLY D 236 33.33 12.20 -26.94
C GLY D 236 32.42 11.57 -25.90
N PHE D 237 31.31 10.98 -26.32
CA PHE D 237 30.42 10.24 -25.43
C PHE D 237 30.96 8.86 -25.16
N CYS D 238 30.95 8.45 -23.91
CA CYS D 238 31.41 7.11 -23.54
C CYS D 238 30.43 6.41 -22.62
N GLN D 239 30.21 5.10 -22.84
CA GLN D 239 29.26 4.33 -22.05
C GLN D 239 29.91 3.04 -21.56
N VAL D 240 29.65 2.73 -20.30
CA VAL D 240 29.93 1.45 -19.68
C VAL D 240 28.59 0.87 -19.23
N LYS D 241 28.15 -0.19 -19.88
CA LYS D 241 26.94 -0.94 -19.50
C LYS D 241 27.33 -2.22 -18.77
N ILE D 242 26.97 -2.32 -17.49
CA ILE D 242 27.22 -3.49 -16.65
C ILE D 242 25.95 -4.32 -16.47
N THR D 243 25.89 -5.47 -17.12
CA THR D 243 24.72 -6.35 -16.96
C THR D 243 24.80 -7.17 -15.67
N GLU D 244 23.63 -7.61 -15.20
CA GLU D 244 23.57 -8.29 -13.90
C GLU D 244 24.40 -9.58 -13.88
N ASP D 245 24.52 -10.24 -15.04
CA ASP D 245 25.39 -11.42 -15.16
C ASP D 245 26.85 -11.09 -14.90
N VAL D 246 27.28 -9.86 -15.22
CA VAL D 246 28.67 -9.51 -15.02
C VAL D 246 28.98 -9.38 -13.54
N LEU D 247 28.09 -8.72 -12.80
CA LEU D 247 28.19 -8.64 -11.35
C LEU D 247 28.35 -10.01 -10.70
N GLU D 248 27.59 -11.00 -11.18
CA GLU D 248 27.72 -12.36 -10.69
C GLU D 248 29.07 -12.96 -11.06
N GLN D 249 29.49 -12.80 -12.31
CA GLN D 249 30.75 -13.39 -12.75
C GLN D 249 31.91 -12.93 -11.89
N PHE D 250 32.00 -11.63 -11.64
CA PHE D 250 33.12 -11.08 -10.88
C PHE D 250 32.85 -11.06 -9.39
N GLY D 251 31.74 -11.64 -8.97
CA GLY D 251 31.44 -11.71 -7.56
C GLY D 251 31.55 -10.35 -6.91
N ILE D 252 30.84 -9.37 -7.47
CA ILE D 252 30.80 -8.04 -6.87
C ILE D 252 29.32 -7.66 -6.72
N GLN D 253 29.10 -6.63 -5.93
CA GLN D 253 27.77 -6.11 -5.65
C GLN D 253 27.54 -4.82 -6.43
N PRO D 254 26.28 -4.48 -6.75
CA PRO D 254 26.02 -3.24 -7.49
C PRO D 254 26.67 -1.99 -6.92
N ASN D 255 26.73 -1.82 -5.59
CA ASN D 255 27.29 -0.60 -5.02
C ASN D 255 28.82 -0.54 -5.23
N GLU D 256 29.51 -1.64 -4.90
CA GLU D 256 30.92 -1.79 -5.24
C GLU D 256 31.19 -1.44 -6.69
N ALA D 257 30.38 -1.98 -7.60
CA ALA D 257 30.60 -1.77 -9.02
C ALA D 257 30.43 -0.32 -9.41
N SER D 258 29.65 0.45 -8.64
CA SER D 258 29.48 1.88 -8.95
C SER D 258 30.67 2.74 -8.59
N GLN D 259 31.62 2.23 -7.81
CA GLN D 259 32.79 3.01 -7.44
C GLN D 259 33.83 3.04 -8.57
N PHE D 260 33.50 2.44 -9.71
CA PHE D 260 34.35 2.47 -10.88
C PHE D 260 33.84 3.46 -11.91
N VAL D 261 32.99 4.41 -11.49
CA VAL D 261 32.39 5.33 -12.45
C VAL D 261 33.47 6.15 -13.18
N ASN D 262 34.58 6.44 -12.50
CA ASN D 262 35.62 7.29 -13.06
C ASN D 262 36.82 6.52 -13.57
N THR D 263 36.66 5.22 -13.77
CA THR D 263 37.78 4.39 -14.23
C THR D 263 38.28 4.83 -15.60
N ILE D 264 37.37 5.24 -16.48
CA ILE D 264 37.72 5.71 -17.82
C ILE D 264 37.79 7.22 -17.91
N ALA D 265 37.74 7.95 -16.78
CA ALA D 265 37.62 9.41 -16.91
C ALA D 265 38.86 10.06 -17.54
N ASP D 266 40.02 9.40 -17.62
CA ASP D 266 41.21 10.05 -18.19
C ASP D 266 41.38 9.81 -19.70
N ILE D 267 40.41 9.17 -20.37
CA ILE D 267 40.51 8.90 -21.80
C ILE D 267 40.63 10.17 -22.61
N LYS D 268 41.50 10.18 -23.62
CA LYS D 268 41.65 11.37 -24.48
C LYS D 268 40.38 11.61 -25.30
N GLY D 269 39.87 12.84 -25.26
CA GLY D 269 38.70 13.18 -26.09
C GLY D 269 37.37 13.04 -25.35
N LEU D 270 37.42 12.51 -24.13
CA LEU D 270 36.20 12.28 -23.36
C LEU D 270 35.49 13.58 -22.98
N LYS D 271 34.15 13.60 -23.12
CA LYS D 271 33.38 14.79 -22.74
C LYS D 271 32.25 14.43 -21.76
N ILE D 272 31.53 13.36 -22.06
CA ILE D 272 30.36 12.94 -21.29
C ILE D 272 30.38 11.45 -21.21
N TRP D 273 30.22 10.90 -20.00
CA TRP D 273 30.12 9.46 -19.89
C TRP D 273 28.99 9.07 -18.95
N VAL D 274 28.62 7.80 -19.03
CA VAL D 274 27.60 7.21 -18.19
C VAL D 274 28.03 5.80 -17.83
N PHE D 275 28.00 5.50 -16.54
CA PHE D 275 28.32 4.21 -15.99
C PHE D 275 27.01 3.61 -15.48
N ALA D 276 26.58 2.52 -16.10
CA ALA D 276 25.24 1.97 -15.88
C ALA D 276 25.35 0.55 -15.37
N VAL D 277 24.67 0.27 -14.25
CA VAL D 277 24.72 -0.99 -13.55
C VAL D 277 23.30 -1.51 -13.40
N ASP D 278 23.10 -2.74 -13.88
CA ASP D 278 21.77 -3.39 -13.80
C ASP D 278 21.63 -4.12 -12.47
N GLU D 279 20.99 -3.47 -11.51
CA GLU D 279 20.61 -4.19 -10.28
C GLU D 279 19.28 -4.83 -10.70
N GLY D 280 18.87 -5.95 -10.15
CA GLY D 280 17.64 -6.61 -10.67
C GLY D 280 16.47 -5.67 -10.92
N ASN D 281 16.15 -4.81 -9.96
CA ASN D 281 14.95 -3.92 -10.06
C ASN D 281 15.12 -2.82 -11.11
N GLU D 282 16.30 -2.20 -11.19
CA GLU D 282 16.47 -1.04 -12.10
C GLU D 282 17.92 -0.91 -12.59
N ILE D 283 18.14 -0.10 -13.63
CA ILE D 283 19.54 0.17 -14.06
C ILE D 283 19.94 1.54 -13.51
N ARG D 284 20.89 1.56 -12.58
CA ARG D 284 21.32 2.78 -11.93
C ARG D 284 22.45 3.36 -12.77
N CYS D 285 22.21 4.57 -13.27
CA CYS D 285 23.18 5.18 -14.20
C CYS D 285 23.87 6.37 -13.53
N ARG D 286 25.20 6.39 -13.56
CA ARG D 286 25.96 7.55 -13.04
C ARG D 286 26.35 8.39 -14.25
N LEU D 287 26.08 9.68 -14.21
CA LEU D 287 26.28 10.55 -15.38
C LEU D 287 27.34 11.58 -15.06
N ARG D 288 28.30 11.77 -15.98
CA ARG D 288 29.45 12.63 -15.71
C ARG D 288 29.75 13.46 -16.94
N SER D 289 30.30 14.65 -16.69
CA SER D 289 30.67 15.51 -17.80
C SER D 289 31.94 16.25 -17.46
N LYS D 290 32.70 16.61 -18.50
CA LYS D 290 33.92 17.40 -18.41
C LYS D 290 33.60 18.89 -18.53
N GLY D 291 34.50 19.72 -18.00
CA GLY D 291 34.42 21.15 -18.19
C GLY D 291 33.06 21.78 -17.89
N GLN D 292 32.54 22.54 -18.86
CA GLN D 292 31.33 23.33 -18.68
C GLN D 292 30.08 22.69 -19.28
N LEU D 293 30.18 21.42 -19.69
CA LEU D 293 29.03 20.69 -20.21
C LEU D 293 28.10 20.35 -19.06
N ILE D 294 26.80 20.49 -19.32
CA ILE D 294 25.78 20.26 -18.31
C ILE D 294 25.07 18.97 -18.64
N ILE D 295 24.88 18.13 -17.64
CA ILE D 295 24.13 16.91 -17.89
C ILE D 295 23.02 16.74 -16.87
N ASN D 296 22.89 17.67 -15.91
CA ASN D 296 21.88 17.38 -14.91
C ASN D 296 20.49 17.74 -15.39
N ASP D 297 20.37 18.61 -16.40
CA ASP D 297 19.06 18.85 -17.03
C ASP D 297 18.51 17.59 -17.69
N ILE D 298 19.36 16.88 -18.45
CA ILE D 298 19.01 15.57 -19.01
C ILE D 298 18.59 14.61 -17.90
N ALA D 299 19.37 14.52 -16.81
CA ALA D 299 19.03 13.59 -15.74
C ALA D 299 17.64 13.91 -15.18
N GLN D 300 17.34 15.21 -15.01
CA GLN D 300 16.02 15.65 -14.52
C GLN D 300 14.91 15.17 -15.46
N ASP D 301 15.11 15.33 -16.77
CA ASP D 301 14.15 14.86 -17.76
C ASP D 301 13.79 13.37 -17.62
N PHE D 302 14.67 12.55 -17.05
CA PHE D 302 14.38 11.12 -16.94
C PHE D 302 14.09 10.71 -15.52
N GLY D 303 13.77 11.66 -14.64
CA GLY D 303 13.35 11.32 -13.29
C GLY D 303 14.44 11.22 -12.24
N GLY D 304 15.67 11.63 -12.56
CA GLY D 304 16.71 11.73 -11.56
C GLY D 304 17.16 13.17 -11.42
N GLY D 305 18.45 13.36 -11.12
CA GLY D 305 18.98 14.71 -10.95
C GLY D 305 20.37 14.68 -10.34
N GLY D 306 20.77 15.85 -9.85
CA GLY D 306 22.12 16.02 -9.32
C GLY D 306 22.79 17.31 -9.79
N HIS D 307 24.15 17.32 -9.77
CA HIS D 307 24.90 18.53 -10.15
C HIS D 307 25.22 18.53 -11.64
N PRO D 308 25.51 19.71 -12.21
CA PRO D 308 25.71 19.82 -13.66
C PRO D 308 26.71 18.83 -14.21
N ASN D 309 27.78 18.51 -13.47
CA ASN D 309 28.82 17.63 -13.98
C ASN D 309 28.71 16.20 -13.42
N ALA D 310 27.80 15.94 -12.48
CA ALA D 310 27.71 14.62 -11.84
C ALA D 310 26.28 14.41 -11.36
N SER D 311 25.57 13.45 -11.97
CA SER D 311 24.15 13.27 -11.72
C SER D 311 23.87 11.77 -11.70
N GLY D 312 22.69 11.38 -11.23
CA GLY D 312 22.33 9.97 -11.32
C GLY D 312 20.91 9.82 -11.78
N VAL D 313 20.59 8.75 -12.50
CA VAL D 313 19.22 8.47 -12.92
C VAL D 313 19.06 6.96 -12.99
N SER D 314 17.87 6.48 -12.63
CA SER D 314 17.52 5.06 -12.77
C SER D 314 16.59 4.87 -13.96
N VAL D 315 16.93 3.92 -14.81
CA VAL D 315 16.07 3.57 -15.92
C VAL D 315 15.60 2.14 -15.74
N ASP D 316 14.49 1.81 -16.40
CA ASP D 316 13.80 0.53 -16.24
C ASP D 316 14.11 -0.48 -17.33
N SER D 317 14.72 -0.04 -18.43
CA SER D 317 15.15 -0.96 -19.48
C SER D 317 16.42 -0.42 -20.12
N TRP D 318 17.13 -1.33 -20.80
CA TRP D 318 18.23 -0.87 -21.65
C TRP D 318 17.66 -0.08 -22.84
N ASP D 319 16.38 -0.28 -23.17
CA ASP D 319 15.79 0.51 -24.25
C ASP D 319 15.60 1.94 -23.79
N GLU D 320 15.31 2.13 -22.51
CA GLU D 320 15.31 3.48 -21.95
C GLU D 320 16.73 4.03 -21.81
N PHE D 321 17.69 3.16 -21.52
CA PHE D 321 19.08 3.64 -21.49
C PHE D 321 19.47 4.30 -22.81
N GLU D 322 19.09 3.69 -23.93
CA GLU D 322 19.50 4.21 -25.23
C GLU D 322 18.92 5.61 -25.46
N GLN D 323 17.72 5.86 -24.94
CA GLN D 323 17.13 7.18 -25.10
C GLN D 323 17.83 8.21 -24.21
N LEU D 324 18.18 7.80 -22.99
CA LEU D 324 18.98 8.62 -22.13
C LEU D 324 20.31 8.97 -22.80
N ALA D 325 20.99 7.95 -23.34
CA ALA D 325 22.24 8.17 -24.07
C ALA D 325 22.04 9.17 -25.21
N THR D 326 21.02 8.92 -26.05
CA THR D 326 20.75 9.82 -27.16
C THR D 326 20.54 11.23 -26.66
N ALA D 327 19.84 11.36 -25.52
CA ALA D 327 19.62 12.69 -24.95
C ALA D 327 20.93 13.31 -24.48
N LEU D 328 21.80 12.52 -23.86
CA LEU D 328 23.07 13.03 -23.37
C LEU D 328 23.90 13.59 -24.53
N ARG D 329 23.90 12.89 -25.66
CA ARG D 329 24.73 13.29 -26.79
C ARG D 329 24.22 14.56 -27.48
N THR D 330 22.95 14.92 -27.29
CA THR D 330 22.50 16.18 -27.85
C THR D 330 23.31 17.36 -27.32
N LYS D 331 23.91 17.21 -26.15
CA LYS D 331 24.73 18.29 -25.61
C LYS D 331 26.09 18.39 -26.28
N LEU D 332 26.43 17.41 -27.12
CA LEU D 332 27.75 17.39 -27.80
C LEU D 332 27.53 17.81 -29.26
N ASN D 333 26.40 17.42 -29.86
CA ASN D 333 26.06 17.80 -31.25
C ASN D 333 27.27 17.62 -32.17
#